data_1TXK
#
_entry.id   1TXK
#
_cell.length_a   63.860
_cell.length_b   88.120
_cell.length_c   215.650
_cell.angle_alpha   90.00
_cell.angle_beta   90.00
_cell.angle_gamma   90.00
#
_symmetry.space_group_name_H-M   'P 21 21 21'
#
loop_
_entity.id
_entity.type
_entity.pdbx_description
1 polymer 'Glucans biosynthesis protein G'
2 non-polymer 'SODIUM ION'
3 water water
#
_entity_poly.entity_id   1
_entity_poly.type   'polypeptide(L)'
_entity_poly.pdbx_seq_one_letter_code
;MFSIDDVAKQAQSLAGKGYETPKSNLPSVFRD(MSE)KYADYQQIQFNHDKAYWNNLKTPFKLEFYHQG(MSE)YFDTPV
KINEVTATAVKRIKYSPDYFTFGDVQHDKDTVKDLGFAGFKVLYPINSKDKNDEIVS(MSE)LGASYFRVIGAGQVYGLS
ARGLAIDTALPSGEEFPRFKEFWIERPKPTDKRLTIYALLDSPRATGAYKFVV(MSE)PGRDTVVDVQSKIYLRDKVGKL
GVAPLTS(MSE)FLFGPNQPSPANNYRPELHDSNGLSIHAGNGEWIWRPLNNPKHLAVSSFS(MSE)ENPQGFGLLQRGR
DFSRFEDLDDRYDLRPSAWVTPKGEWGKGSVELVEIPTNDETNDNIVAYWTPDQLPEPGKE(MSE)NFKYTITFSRDEDK
LHAPDNAWVQQTRRSTGDVKQSNLIRQPDGTIAFVVDFTGAE(MSE)KKLPEDTPVTAQTSIGDNGEIVESTVRYNPVTK
GWRLV(MSE)RVKVKDAKKTTE(MSE)RAALVNADQTLSETWSYQLPANEVEHHHHHH
;
_entity_poly.pdbx_strand_id   A,B
#
loop_
_chem_comp.id
_chem_comp.type
_chem_comp.name
_chem_comp.formula
NA non-polymer 'SODIUM ION' 'Na 1'
#
# COMPACT_ATOMS: atom_id res chain seq x y z
N PHE A 2 -7.03 -42.21 31.89
CA PHE A 2 -7.98 -41.69 30.93
C PHE A 2 -7.21 -41.43 29.64
N SER A 3 -7.78 -41.83 28.51
CA SER A 3 -7.13 -41.63 27.23
C SER A 3 -8.19 -41.45 26.15
N ILE A 4 -7.75 -41.34 24.92
CA ILE A 4 -8.69 -41.15 23.83
C ILE A 4 -9.62 -42.37 23.73
N ASP A 5 -9.14 -43.53 24.15
CA ASP A 5 -9.96 -44.73 24.11
C ASP A 5 -11.23 -44.60 24.95
N ASP A 6 -11.15 -43.92 26.08
CA ASP A 6 -12.33 -43.73 26.92
C ASP A 6 -13.37 -42.93 26.15
N VAL A 7 -12.91 -41.95 25.39
CA VAL A 7 -13.81 -41.13 24.60
C VAL A 7 -14.29 -41.87 23.36
N ALA A 8 -13.38 -42.58 22.70
CA ALA A 8 -13.72 -43.34 21.50
C ALA A 8 -14.84 -44.32 21.81
N LYS A 9 -14.72 -44.98 22.95
CA LYS A 9 -15.72 -45.95 23.40
C LYS A 9 -17.09 -45.30 23.44
N GLN A 10 -17.15 -44.08 23.95
CA GLN A 10 -18.41 -43.34 24.04
C GLN A 10 -18.87 -42.95 22.64
N ALA A 11 -17.91 -42.65 21.75
CA ALA A 11 -18.23 -42.26 20.37
C ALA A 11 -18.81 -43.45 19.60
N GLN A 12 -18.17 -44.61 19.72
CA GLN A 12 -18.61 -45.83 19.05
C GLN A 12 -20.04 -46.16 19.49
N SER A 13 -20.30 -45.99 20.78
CA SER A 13 -21.61 -46.27 21.31
C SER A 13 -22.66 -45.38 20.66
N LEU A 14 -22.40 -44.07 20.62
CA LEU A 14 -23.33 -43.14 20.02
C LEU A 14 -23.57 -43.43 18.55
N ALA A 15 -22.51 -43.85 17.87
CA ALA A 15 -22.60 -44.16 16.44
C ALA A 15 -23.49 -45.36 16.16
N GLY A 16 -23.71 -46.20 17.17
CA GLY A 16 -24.53 -47.37 16.98
C GLY A 16 -25.98 -47.19 17.40
N LYS A 17 -26.40 -45.94 17.60
CA LYS A 17 -27.78 -45.66 17.99
C LYS A 17 -28.31 -44.48 17.18
N GLY A 18 -29.63 -44.32 17.21
CA GLY A 18 -30.23 -43.21 16.48
C GLY A 18 -29.69 -41.92 17.06
N TYR A 19 -29.47 -40.93 16.21
CA TYR A 19 -28.97 -39.64 16.63
C TYR A 19 -30.00 -38.91 17.49
N GLU A 20 -29.54 -38.33 18.59
CA GLU A 20 -30.43 -37.59 19.46
C GLU A 20 -30.26 -36.11 19.19
N THR A 21 -31.24 -35.51 18.52
CA THR A 21 -31.20 -34.09 18.21
C THR A 21 -31.13 -33.31 19.53
N PRO A 22 -30.16 -32.39 19.64
CA PRO A 22 -30.08 -31.63 20.89
C PRO A 22 -31.29 -30.72 21.05
N LYS A 23 -31.70 -30.49 22.28
CA LYS A 23 -32.85 -29.63 22.54
C LYS A 23 -32.43 -28.40 23.34
N SER A 24 -32.79 -27.22 22.85
CA SER A 24 -32.46 -25.99 23.53
C SER A 24 -32.93 -26.00 24.97
N ASN A 25 -32.15 -25.41 25.86
CA ASN A 25 -32.49 -25.34 27.27
C ASN A 25 -32.50 -23.87 27.71
N LEU A 26 -32.49 -22.97 26.74
CA LEU A 26 -32.47 -21.55 27.02
C LEU A 26 -33.86 -20.96 27.20
N PRO A 27 -34.08 -20.24 28.31
CA PRO A 27 -35.39 -19.64 28.56
C PRO A 27 -35.56 -18.43 27.63
N SER A 28 -36.04 -17.31 28.17
CA SER A 28 -36.23 -16.10 27.39
C SER A 28 -35.04 -15.81 26.46
N MSE A 33 -33.16 -12.94 23.45
CA MSE A 33 -32.23 -12.01 24.09
C MSE A 33 -31.46 -11.17 23.08
O MSE A 33 -30.90 -11.68 22.11
CB MSE A 33 -31.23 -12.79 24.97
CG MSE A 33 -30.09 -11.95 25.55
SE MSE A 33 -28.84 -12.90 26.72
CE MSE A 33 -29.22 -12.01 28.37
N LYS A 34 -31.44 -9.86 23.30
CA LYS A 34 -30.74 -8.95 22.42
C LYS A 34 -29.24 -9.05 22.61
N TYR A 35 -28.49 -8.93 21.51
CA TYR A 35 -27.04 -9.02 21.57
C TYR A 35 -26.42 -8.10 22.60
N ALA A 36 -26.90 -6.86 22.67
CA ALA A 36 -26.37 -5.89 23.61
C ALA A 36 -26.30 -6.47 25.01
N ASP A 37 -27.43 -7.02 25.48
CA ASP A 37 -27.51 -7.62 26.81
C ASP A 37 -26.48 -8.72 26.97
N TYR A 38 -26.38 -9.58 25.96
CA TYR A 38 -25.43 -10.68 26.01
C TYR A 38 -24.02 -10.19 26.28
N GLN A 39 -23.60 -9.14 25.56
CA GLN A 39 -22.26 -8.58 25.71
C GLN A 39 -22.04 -8.16 27.17
N GLN A 40 -23.10 -8.10 27.96
CA GLN A 40 -22.98 -7.71 29.35
C GLN A 40 -22.55 -8.86 30.26
N ILE A 41 -22.79 -10.10 29.81
CA ILE A 41 -22.41 -11.28 30.58
C ILE A 41 -20.94 -11.51 30.37
N GLN A 42 -20.13 -11.21 31.38
CA GLN A 42 -18.69 -11.40 31.26
C GLN A 42 -18.14 -12.32 32.35
N PHE A 43 -17.13 -13.11 32.00
CA PHE A 43 -16.49 -14.04 32.92
C PHE A 43 -15.64 -13.24 33.95
N ASN A 44 -15.84 -13.55 35.22
CA ASN A 44 -15.10 -12.90 36.30
C ASN A 44 -13.69 -13.45 36.26
N HIS A 45 -12.75 -12.69 35.72
CA HIS A 45 -11.36 -13.13 35.63
C HIS A 45 -10.78 -13.65 36.94
N ASP A 46 -11.36 -13.25 38.07
CA ASP A 46 -10.88 -13.70 39.38
C ASP A 46 -11.31 -15.14 39.60
N LYS A 47 -12.22 -15.63 38.77
CA LYS A 47 -12.74 -16.99 38.88
C LYS A 47 -12.10 -18.01 37.92
N ALA A 48 -11.01 -17.63 37.26
CA ALA A 48 -10.36 -18.53 36.32
C ALA A 48 -10.07 -19.88 36.96
N TYR A 49 -10.39 -20.95 36.24
CA TYR A 49 -10.15 -22.30 36.75
C TYR A 49 -8.65 -22.49 36.82
N TRP A 50 -8.18 -22.95 37.98
CA TRP A 50 -6.75 -23.18 38.25
C TRP A 50 -6.04 -21.89 38.67
N ASN A 51 -6.80 -20.84 38.94
CA ASN A 51 -6.20 -19.58 39.37
C ASN A 51 -5.49 -19.83 40.69
N ASN A 52 -5.85 -20.91 41.37
CA ASN A 52 -5.26 -21.26 42.64
C ASN A 52 -4.17 -22.33 42.50
N LEU A 53 -4.03 -22.88 41.31
CA LEU A 53 -3.01 -23.91 41.08
C LEU A 53 -1.72 -23.35 40.52
N LYS A 54 -0.64 -24.08 40.76
CA LYS A 54 0.66 -23.68 40.23
C LYS A 54 0.75 -24.28 38.84
N THR A 55 0.35 -23.49 37.85
CA THR A 55 0.38 -23.91 36.46
C THR A 55 0.16 -22.67 35.61
N PRO A 56 0.95 -22.52 34.55
CA PRO A 56 0.77 -21.35 33.69
C PRO A 56 -0.56 -21.31 32.94
N PHE A 57 -1.18 -22.47 32.72
CA PHE A 57 -2.47 -22.53 32.02
C PHE A 57 -3.64 -22.21 32.94
N LYS A 58 -4.63 -21.49 32.40
CA LYS A 58 -5.84 -21.12 33.13
C LYS A 58 -7.03 -21.38 32.21
N LEU A 59 -8.22 -21.56 32.79
CA LEU A 59 -9.41 -21.77 31.98
C LEU A 59 -10.49 -20.75 32.34
N GLU A 60 -11.25 -20.33 31.34
CA GLU A 60 -12.34 -19.40 31.55
C GLU A 60 -13.51 -19.99 30.77
N PHE A 61 -14.73 -19.57 31.06
CA PHE A 61 -15.87 -20.14 30.38
C PHE A 61 -16.81 -19.18 29.70
N TYR A 62 -17.53 -19.70 28.71
CA TYR A 62 -18.49 -18.92 27.96
C TYR A 62 -19.89 -19.20 28.46
N HIS A 63 -20.72 -18.18 28.48
CA HIS A 63 -22.08 -18.32 28.97
C HIS A 63 -23.05 -18.53 27.83
N GLN A 64 -24.08 -19.33 28.08
CA GLN A 64 -25.09 -19.57 27.06
C GLN A 64 -25.90 -18.32 26.80
N GLY A 65 -26.60 -18.31 25.67
CA GLY A 65 -27.41 -17.17 25.28
C GLY A 65 -27.46 -17.06 23.77
N MSE A 66 -28.54 -16.48 23.25
CA MSE A 66 -28.72 -16.31 21.81
C MSE A 66 -28.72 -17.63 21.06
O MSE A 66 -29.52 -18.51 21.35
CB MSE A 66 -27.64 -15.38 21.25
CG MSE A 66 -27.45 -14.13 22.08
SE MSE A 66 -26.58 -12.70 21.12
CE MSE A 66 -24.87 -13.54 20.78
N TYR A 67 -27.80 -17.79 20.10
CA TYR A 67 -27.75 -19.03 19.33
C TYR A 67 -26.90 -20.14 19.96
N PHE A 68 -26.36 -19.88 21.14
CA PHE A 68 -25.60 -20.89 21.87
C PHE A 68 -26.67 -21.44 22.81
N ASP A 69 -27.68 -22.08 22.23
CA ASP A 69 -28.79 -22.62 22.99
C ASP A 69 -28.63 -24.01 23.57
N THR A 70 -27.47 -24.62 23.39
CA THR A 70 -27.23 -25.94 23.96
C THR A 70 -25.87 -25.87 24.64
N PRO A 71 -25.72 -26.54 25.79
CA PRO A 71 -24.45 -26.51 26.51
C PRO A 71 -23.49 -27.61 26.13
N VAL A 72 -22.25 -27.47 26.60
CA VAL A 72 -21.22 -28.48 26.39
C VAL A 72 -20.85 -28.90 27.82
N LYS A 73 -20.55 -30.17 28.02
CA LYS A 73 -20.18 -30.61 29.36
C LYS A 73 -18.67 -30.55 29.44
N ILE A 74 -18.16 -29.99 30.53
CA ILE A 74 -16.73 -29.86 30.70
C ILE A 74 -16.25 -30.57 31.96
N ASN A 75 -15.29 -31.48 31.80
CA ASN A 75 -14.73 -32.23 32.92
C ASN A 75 -13.24 -31.93 33.07
N GLU A 76 -12.75 -32.03 34.30
CA GLU A 76 -11.32 -31.85 34.54
C GLU A 76 -10.79 -33.25 34.81
N VAL A 77 -9.60 -33.54 34.31
CA VAL A 77 -9.00 -34.85 34.53
C VAL A 77 -7.75 -34.70 35.36
N THR A 78 -7.86 -34.98 36.66
CA THR A 78 -6.71 -34.89 37.56
C THR A 78 -5.97 -36.21 37.54
N ALA A 79 -4.99 -36.36 38.43
CA ALA A 79 -4.19 -37.58 38.49
C ALA A 79 -4.97 -38.79 39.03
N THR A 80 -6.00 -38.52 39.83
CA THR A 80 -6.79 -39.59 40.41
C THR A 80 -8.25 -39.61 40.01
N ALA A 81 -8.76 -38.52 39.46
CA ALA A 81 -10.18 -38.49 39.12
C ALA A 81 -10.58 -37.72 37.87
N VAL A 82 -11.86 -37.88 37.53
CA VAL A 82 -12.46 -37.18 36.41
C VAL A 82 -13.60 -36.41 37.08
N LYS A 83 -13.38 -35.12 37.29
CA LYS A 83 -14.39 -34.28 37.95
C LYS A 83 -15.12 -33.40 36.95
N ARG A 84 -16.44 -33.41 37.06
CA ARG A 84 -17.29 -32.61 36.19
C ARG A 84 -17.25 -31.15 36.64
N ILE A 85 -16.80 -30.26 35.76
CA ILE A 85 -16.76 -28.84 36.11
C ILE A 85 -18.17 -28.28 35.97
N LYS A 86 -18.85 -28.17 37.10
CA LYS A 86 -20.24 -27.70 37.15
C LYS A 86 -20.42 -26.23 36.74
N TYR A 87 -21.54 -25.94 36.08
CA TYR A 87 -21.82 -24.57 35.67
C TYR A 87 -22.39 -23.78 36.85
N SER A 88 -21.99 -22.52 36.95
CA SER A 88 -22.47 -21.65 38.00
C SER A 88 -22.45 -20.20 37.56
N PRO A 89 -23.55 -19.47 37.80
CA PRO A 89 -23.63 -18.07 37.41
C PRO A 89 -22.59 -17.22 38.15
N ASP A 90 -22.02 -17.78 39.21
CA ASP A 90 -21.01 -17.09 40.00
C ASP A 90 -19.69 -16.89 39.24
N TYR A 91 -19.51 -17.61 38.14
CA TYR A 91 -18.30 -17.47 37.36
C TYR A 91 -18.36 -16.17 36.56
N PHE A 92 -19.57 -15.66 36.37
CA PHE A 92 -19.73 -14.46 35.59
C PHE A 92 -20.38 -13.28 36.31
N THR A 93 -20.33 -12.14 35.62
CA THR A 93 -20.94 -10.91 36.09
C THR A 93 -22.00 -10.69 35.02
N PHE A 94 -23.20 -10.28 35.43
CA PHE A 94 -24.28 -10.10 34.46
C PHE A 94 -24.77 -8.66 34.39
N GLY A 95 -24.53 -7.91 35.46
CA GLY A 95 -24.98 -6.54 35.50
C GLY A 95 -26.50 -6.46 35.31
N ASP A 96 -26.89 -6.11 34.09
CA ASP A 96 -28.29 -5.93 33.71
C ASP A 96 -29.20 -7.15 33.47
N VAL A 97 -28.62 -8.34 33.25
CA VAL A 97 -29.46 -9.51 32.99
C VAL A 97 -29.83 -10.34 34.22
N GLN A 98 -31.00 -10.98 34.15
CA GLN A 98 -31.55 -11.79 35.23
C GLN A 98 -30.58 -12.63 36.07
N HIS A 99 -30.21 -13.79 35.56
CA HIS A 99 -29.31 -14.74 36.22
C HIS A 99 -29.69 -15.20 37.63
N ASP A 100 -30.98 -15.45 37.85
CA ASP A 100 -31.46 -15.92 39.14
C ASP A 100 -31.00 -17.37 39.29
N LYS A 101 -30.70 -17.79 40.51
CA LYS A 101 -30.27 -19.15 40.76
C LYS A 101 -31.37 -20.14 40.37
N ASP A 102 -32.50 -19.60 39.92
CA ASP A 102 -33.64 -20.42 39.52
C ASP A 102 -33.98 -20.24 38.04
N THR A 103 -33.51 -19.13 37.46
CA THR A 103 -33.77 -18.89 36.05
C THR A 103 -32.66 -19.51 35.20
N VAL A 104 -31.51 -19.76 35.83
CA VAL A 104 -30.37 -20.37 35.15
C VAL A 104 -30.14 -21.77 35.71
N LYS A 105 -31.22 -22.41 36.15
CA LYS A 105 -31.16 -23.74 36.72
C LYS A 105 -30.70 -24.84 35.75
N ASP A 106 -31.15 -24.75 34.51
CA ASP A 106 -30.79 -25.77 33.52
C ASP A 106 -29.63 -25.38 32.61
N LEU A 107 -29.03 -24.23 32.86
CA LEU A 107 -27.92 -23.76 32.04
C LEU A 107 -26.59 -24.46 32.29
N GLY A 108 -25.76 -24.48 31.26
CA GLY A 108 -24.44 -25.07 31.34
C GLY A 108 -23.49 -24.11 30.65
N PHE A 109 -22.24 -24.50 30.48
CA PHE A 109 -21.28 -23.64 29.79
C PHE A 109 -21.52 -23.75 28.28
N ALA A 110 -21.30 -22.65 27.57
CA ALA A 110 -21.48 -22.64 26.12
C ALA A 110 -20.21 -23.15 25.47
N GLY A 111 -19.09 -22.86 26.11
CA GLY A 111 -17.79 -23.28 25.61
C GLY A 111 -16.72 -22.87 26.60
N PHE A 112 -15.46 -22.87 26.19
CA PHE A 112 -14.40 -22.47 27.11
C PHE A 112 -13.19 -21.92 26.36
N LYS A 113 -12.31 -21.24 27.08
CA LYS A 113 -11.10 -20.70 26.49
C LYS A 113 -9.92 -21.09 27.38
N VAL A 114 -8.72 -21.02 26.83
CA VAL A 114 -7.53 -21.37 27.57
C VAL A 114 -6.62 -20.13 27.66
N LEU A 115 -6.12 -19.85 28.87
CA LEU A 115 -5.25 -18.70 29.08
C LEU A 115 -3.82 -19.14 29.36
N TYR A 116 -2.87 -18.35 28.88
CA TYR A 116 -1.47 -18.66 29.08
C TYR A 116 -0.64 -17.39 28.94
N PRO A 117 0.46 -17.30 29.71
CA PRO A 117 1.33 -16.10 29.64
C PRO A 117 2.22 -16.21 28.41
N ILE A 118 1.59 -16.25 27.24
CA ILE A 118 2.31 -16.39 25.97
C ILE A 118 3.01 -15.12 25.52
N ASN A 119 2.52 -13.97 25.97
CA ASN A 119 3.12 -12.70 25.61
C ASN A 119 4.03 -12.12 26.68
N SER A 120 3.60 -12.23 27.95
CA SER A 120 4.36 -11.73 29.08
C SER A 120 4.00 -12.51 30.35
N LYS A 121 4.98 -12.71 31.23
CA LYS A 121 4.79 -13.46 32.45
C LYS A 121 3.65 -13.00 33.36
N ASP A 122 3.41 -11.69 33.42
CA ASP A 122 2.37 -11.15 34.28
C ASP A 122 0.98 -11.01 33.66
N LYS A 123 0.72 -11.75 32.59
CA LYS A 123 -0.58 -11.66 31.94
C LYS A 123 -1.01 -13.00 31.34
N ASN A 124 -2.20 -13.45 31.71
CA ASN A 124 -2.73 -14.71 31.19
C ASN A 124 -3.57 -14.39 29.96
N ASP A 125 -2.95 -14.42 28.80
CA ASP A 125 -3.66 -14.12 27.56
C ASP A 125 -4.31 -15.34 26.96
N GLU A 126 -5.41 -15.13 26.24
CA GLU A 126 -6.13 -16.21 25.59
C GLU A 126 -5.27 -16.79 24.47
N ILE A 127 -5.27 -18.10 24.33
CA ILE A 127 -4.53 -18.77 23.28
C ILE A 127 -5.43 -19.77 22.57
N VAL A 128 -6.58 -20.05 23.17
CA VAL A 128 -7.51 -21.00 22.57
C VAL A 128 -8.95 -20.69 22.97
N SER A 129 -9.85 -20.80 22.00
CA SER A 129 -11.26 -20.56 22.24
C SER A 129 -12.05 -21.68 21.56
N MSE A 130 -12.73 -22.48 22.37
CA MSE A 130 -13.51 -23.59 21.85
C MSE A 130 -14.97 -23.23 22.03
O MSE A 130 -15.51 -23.33 23.14
CB MSE A 130 -13.15 -24.86 22.61
CG MSE A 130 -13.01 -26.11 21.73
SE MSE A 130 -11.32 -27.03 22.06
CE MSE A 130 -11.19 -27.93 20.36
N LEU A 131 -15.64 -22.80 20.95
CA LEU A 131 -17.03 -22.38 21.04
C LEU A 131 -17.84 -22.52 19.74
N GLY A 132 -19.01 -23.14 19.84
CA GLY A 132 -19.87 -23.32 18.69
C GLY A 132 -19.52 -24.54 17.86
N ALA A 133 -20.53 -25.35 17.55
CA ALA A 133 -20.31 -26.55 16.74
C ALA A 133 -19.02 -27.22 17.20
N SER A 134 -18.12 -27.52 16.27
CA SER A 134 -16.85 -28.11 16.64
C SER A 134 -15.75 -27.15 16.24
N TYR A 135 -16.05 -25.85 16.31
CA TYR A 135 -15.09 -24.80 15.97
C TYR A 135 -14.20 -24.39 17.15
N PHE A 136 -13.03 -23.88 16.82
CA PHE A 136 -12.13 -23.38 17.85
C PHE A 136 -11.12 -22.44 17.21
N ARG A 137 -10.72 -21.42 17.96
CA ARG A 137 -9.76 -20.44 17.48
C ARG A 137 -8.48 -20.60 18.27
N VAL A 138 -7.35 -20.34 17.61
CA VAL A 138 -6.06 -20.49 18.28
C VAL A 138 -5.08 -19.40 17.86
N ILE A 139 -4.21 -18.98 18.78
CA ILE A 139 -3.23 -17.96 18.46
C ILE A 139 -1.89 -18.19 19.12
N GLY A 140 -0.85 -17.70 18.46
CA GLY A 140 0.50 -17.80 18.98
C GLY A 140 0.85 -16.48 19.63
N ALA A 141 2.12 -16.28 19.96
CA ALA A 141 2.54 -15.05 20.62
C ALA A 141 2.45 -13.82 19.73
N GLY A 142 1.94 -12.74 20.30
CA GLY A 142 1.81 -11.48 19.57
C GLY A 142 0.73 -11.46 18.52
N GLN A 143 -0.09 -12.51 18.48
CA GLN A 143 -1.16 -12.62 17.50
C GLN A 143 -2.52 -12.19 18.02
N VAL A 144 -3.44 -12.03 17.08
CA VAL A 144 -4.82 -11.66 17.36
C VAL A 144 -5.67 -12.73 16.68
N TYR A 145 -6.82 -13.06 17.26
CA TYR A 145 -7.69 -14.07 16.68
C TYR A 145 -8.03 -13.81 15.22
N GLY A 146 -7.96 -14.86 14.41
CA GLY A 146 -8.29 -14.74 13.00
C GLY A 146 -9.08 -15.97 12.61
N LEU A 147 -8.54 -16.77 11.70
CA LEU A 147 -9.23 -17.98 11.24
C LEU A 147 -9.55 -19.00 12.34
N SER A 148 -10.43 -19.92 12.02
CA SER A 148 -10.85 -20.96 12.95
C SER A 148 -10.53 -22.32 12.34
N ALA A 149 -10.58 -23.34 13.19
CA ALA A 149 -10.38 -24.71 12.75
C ALA A 149 -11.65 -25.38 13.25
N ARG A 150 -11.85 -26.64 12.88
CA ARG A 150 -13.03 -27.37 13.33
C ARG A 150 -12.59 -28.80 13.54
N GLY A 151 -13.37 -29.55 14.30
CA GLY A 151 -13.02 -30.94 14.48
C GLY A 151 -13.42 -31.71 13.25
N LEU A 152 -14.47 -31.25 12.56
CA LEU A 152 -14.94 -31.98 11.39
C LEU A 152 -15.95 -31.18 10.56
N ALA A 153 -16.01 -31.47 9.26
CA ALA A 153 -16.96 -30.78 8.37
C ALA A 153 -17.71 -31.84 7.58
N ILE A 154 -19.00 -31.61 7.33
CA ILE A 154 -19.80 -32.57 6.59
C ILE A 154 -20.71 -31.96 5.53
N ASP A 155 -20.53 -32.40 4.28
CA ASP A 155 -21.34 -31.95 3.15
C ASP A 155 -21.25 -30.45 2.89
N THR A 156 -20.09 -29.88 3.18
CA THR A 156 -19.87 -28.45 2.97
C THR A 156 -19.98 -28.12 1.48
N ALA A 157 -20.73 -27.08 1.17
CA ALA A 157 -20.93 -26.63 -0.21
C ALA A 157 -21.83 -27.52 -1.06
N LEU A 158 -22.37 -28.60 -0.49
CA LEU A 158 -23.26 -29.46 -1.27
C LEU A 158 -24.65 -28.82 -1.28
N PRO A 159 -25.36 -28.87 -2.42
CA PRO A 159 -26.70 -28.27 -2.53
C PRO A 159 -27.66 -28.80 -1.47
N SER A 160 -27.48 -30.07 -1.09
CA SER A 160 -28.36 -30.67 -0.08
C SER A 160 -28.22 -30.00 1.29
N GLY A 161 -27.16 -29.23 1.49
CA GLY A 161 -26.98 -28.55 2.76
C GLY A 161 -25.93 -29.14 3.68
N GLU A 162 -25.03 -28.28 4.15
CA GLU A 162 -23.96 -28.71 5.04
C GLU A 162 -24.53 -29.15 6.39
N GLU A 163 -23.89 -30.16 6.98
CA GLU A 163 -24.27 -30.68 8.29
C GLU A 163 -23.15 -30.26 9.25
N PHE A 164 -23.51 -29.61 10.34
CA PHE A 164 -22.52 -29.13 11.31
C PHE A 164 -22.41 -29.95 12.59
N PRO A 165 -21.36 -30.79 12.71
CA PRO A 165 -21.23 -31.57 13.94
C PRO A 165 -20.85 -30.65 15.09
N ARG A 166 -20.89 -31.14 16.31
CA ARG A 166 -20.52 -30.29 17.44
C ARG A 166 -19.80 -31.07 18.52
N PHE A 167 -19.00 -30.37 19.31
CA PHE A 167 -18.31 -31.02 20.42
C PHE A 167 -19.29 -30.90 21.58
N LYS A 168 -19.74 -32.03 22.13
CA LYS A 168 -20.69 -31.97 23.23
C LYS A 168 -20.05 -32.11 24.61
N GLU A 169 -18.85 -32.67 24.67
CA GLU A 169 -18.19 -32.85 25.94
C GLU A 169 -16.68 -32.76 25.83
N PHE A 170 -16.06 -32.21 26.87
CA PHE A 170 -14.61 -32.04 26.92
C PHE A 170 -14.02 -32.60 28.20
N TRP A 171 -12.78 -33.06 28.09
CA TRP A 171 -12.04 -33.61 29.21
C TRP A 171 -10.69 -32.90 29.17
N ILE A 172 -10.50 -31.96 30.08
CA ILE A 172 -9.26 -31.19 30.12
C ILE A 172 -8.41 -31.69 31.28
N GLU A 173 -7.24 -32.23 31.01
CA GLU A 173 -6.44 -32.70 32.13
C GLU A 173 -5.59 -31.63 32.79
N ARG A 174 -5.63 -31.63 34.12
CA ARG A 174 -4.88 -30.69 34.95
C ARG A 174 -3.39 -30.83 34.68
N PRO A 175 -2.75 -29.76 34.19
CA PRO A 175 -1.33 -29.78 33.89
C PRO A 175 -0.45 -29.69 35.13
N LYS A 176 0.72 -30.32 35.06
CA LYS A 176 1.67 -30.27 36.15
C LYS A 176 2.26 -28.86 36.11
N PRO A 177 2.64 -28.30 37.26
CA PRO A 177 3.21 -26.94 37.33
C PRO A 177 4.34 -26.72 36.32
N THR A 178 5.04 -27.79 36.00
CA THR A 178 6.16 -27.72 35.07
C THR A 178 5.75 -27.90 33.59
N ASP A 179 4.51 -28.32 33.34
CA ASP A 179 4.05 -28.54 31.97
C ASP A 179 3.93 -27.28 31.11
N LYS A 180 4.28 -27.42 29.84
CA LYS A 180 4.19 -26.33 28.87
C LYS A 180 3.12 -26.68 27.83
N ARG A 181 2.49 -27.83 28.03
CA ARG A 181 1.45 -28.30 27.12
C ARG A 181 0.18 -28.60 27.89
N LEU A 182 -0.95 -28.44 27.22
CA LEU A 182 -2.26 -28.71 27.82
C LEU A 182 -2.98 -29.72 26.94
N THR A 183 -3.47 -30.80 27.56
CA THR A 183 -4.18 -31.85 26.82
C THR A 183 -5.69 -31.73 26.99
N ILE A 184 -6.41 -31.78 25.87
CA ILE A 184 -7.86 -31.66 25.87
C ILE A 184 -8.47 -32.80 25.06
N TYR A 185 -9.44 -33.49 25.64
CA TYR A 185 -10.14 -34.56 24.94
C TYR A 185 -11.51 -34.02 24.58
N ALA A 186 -12.06 -34.44 23.44
CA ALA A 186 -13.37 -33.97 23.03
C ALA A 186 -14.22 -35.02 22.35
N LEU A 187 -15.50 -35.06 22.70
CA LEU A 187 -16.45 -36.00 22.10
C LEU A 187 -17.29 -35.23 21.10
N LEU A 188 -17.27 -35.69 19.85
CA LEU A 188 -18.01 -35.05 18.77
C LEU A 188 -19.21 -35.87 18.36
N ASP A 189 -20.36 -35.20 18.21
CA ASP A 189 -21.59 -35.86 17.78
C ASP A 189 -22.23 -35.07 16.64
N SER A 190 -22.75 -35.80 15.66
CA SER A 190 -23.35 -35.18 14.50
C SER A 190 -24.40 -36.16 13.98
N PRO A 191 -25.44 -35.65 13.30
CA PRO A 191 -26.50 -36.53 12.78
C PRO A 191 -26.00 -37.82 12.17
N ARG A 192 -24.98 -37.74 11.31
CA ARG A 192 -24.46 -38.95 10.68
C ARG A 192 -23.03 -39.32 11.06
N ALA A 193 -22.49 -38.69 12.11
CA ALA A 193 -21.13 -39.01 12.52
C ALA A 193 -20.83 -38.68 13.99
N THR A 194 -19.82 -39.35 14.53
CA THR A 194 -19.38 -39.11 15.91
C THR A 194 -17.86 -39.18 15.88
N GLY A 195 -17.23 -38.77 16.98
CA GLY A 195 -15.78 -38.81 17.01
C GLY A 195 -15.16 -38.57 18.37
N ALA A 196 -13.90 -38.97 18.50
CA ALA A 196 -13.14 -38.81 19.73
C ALA A 196 -11.85 -38.10 19.36
N TYR A 197 -11.57 -37.02 20.08
CA TYR A 197 -10.39 -36.22 19.82
C TYR A 197 -9.48 -36.03 21.01
N LYS A 198 -8.18 -35.95 20.71
CA LYS A 198 -7.21 -35.67 21.73
C LYS A 198 -6.44 -34.49 21.16
N PHE A 199 -6.47 -33.37 21.87
CA PHE A 199 -5.76 -32.17 21.45
C PHE A 199 -4.62 -31.91 22.41
N VAL A 200 -3.49 -31.48 21.87
CA VAL A 200 -2.34 -31.14 22.71
C VAL A 200 -1.87 -29.77 22.23
N VAL A 201 -2.24 -28.75 23.01
CA VAL A 201 -1.92 -27.36 22.72
C VAL A 201 -0.56 -26.99 23.25
N MSE A 202 0.30 -26.52 22.34
CA MSE A 202 1.66 -26.12 22.69
C MSE A 202 1.88 -24.65 22.30
O MSE A 202 2.23 -24.34 21.16
CB MSE A 202 2.66 -27.03 22.00
CG MSE A 202 2.40 -28.51 22.25
SE MSE A 202 3.34 -29.74 21.10
CE MSE A 202 1.92 -30.12 19.85
N PRO A 203 1.65 -23.73 23.24
CA PRO A 203 1.81 -22.30 23.01
C PRO A 203 3.26 -21.87 22.81
N GLY A 204 3.46 -20.83 22.03
CA GLY A 204 4.79 -20.32 21.76
C GLY A 204 4.69 -19.26 20.68
N ARG A 205 5.82 -18.92 20.05
CA ARG A 205 5.81 -17.93 18.98
C ARG A 205 4.72 -18.45 18.05
N ASP A 206 4.76 -19.75 17.81
CA ASP A 206 3.72 -20.42 17.05
C ASP A 206 3.03 -21.28 18.10
N THR A 207 1.70 -21.30 18.11
CA THR A 207 1.02 -22.19 19.02
C THR A 207 0.70 -23.38 18.13
N VAL A 208 1.24 -24.54 18.49
CA VAL A 208 1.02 -25.76 17.71
C VAL A 208 0.04 -26.65 18.43
N VAL A 209 -0.93 -27.18 17.70
CA VAL A 209 -1.94 -28.05 18.27
C VAL A 209 -1.81 -29.42 17.64
N ASP A 210 -1.61 -30.43 18.48
CA ASP A 210 -1.47 -31.79 17.99
C ASP A 210 -2.85 -32.43 18.02
N VAL A 211 -3.28 -33.00 16.89
CA VAL A 211 -4.61 -33.60 16.84
C VAL A 211 -4.66 -35.08 16.44
N GLN A 212 -5.36 -35.87 17.24
CA GLN A 212 -5.55 -37.28 16.96
C GLN A 212 -7.05 -37.47 17.03
N SER A 213 -7.62 -38.15 16.05
CA SER A 213 -9.06 -38.35 16.07
C SER A 213 -9.45 -39.73 15.60
N LYS A 214 -10.61 -40.16 16.07
CA LYS A 214 -11.19 -41.44 15.71
C LYS A 214 -12.64 -41.09 15.36
N ILE A 215 -12.93 -41.14 14.06
CA ILE A 215 -14.25 -40.80 13.57
C ILE A 215 -15.06 -42.05 13.22
N TYR A 216 -16.36 -41.98 13.46
CA TYR A 216 -17.27 -43.07 13.18
C TYR A 216 -18.50 -42.51 12.47
N LEU A 217 -18.86 -43.11 11.34
CA LEU A 217 -20.03 -42.66 10.62
C LEU A 217 -21.22 -43.42 11.16
N ARG A 218 -22.27 -42.70 11.52
CA ARG A 218 -23.50 -43.33 12.00
C ARG A 218 -24.29 -43.68 10.75
N ASP A 219 -23.87 -43.09 9.63
CA ASP A 219 -24.50 -43.31 8.33
C ASP A 219 -23.67 -42.63 7.24
N LYS A 220 -23.79 -43.12 6.01
CA LYS A 220 -23.07 -42.58 4.88
C LYS A 220 -23.32 -41.09 4.67
N VAL A 221 -22.30 -40.39 4.20
CA VAL A 221 -22.39 -38.95 3.96
C VAL A 221 -21.76 -38.61 2.62
N GLY A 222 -22.29 -37.59 1.97
CA GLY A 222 -21.75 -37.21 0.68
C GLY A 222 -20.32 -36.73 0.75
N LYS A 223 -19.99 -35.92 1.76
CA LYS A 223 -18.64 -35.39 1.86
C LYS A 223 -18.12 -35.22 3.28
N LEU A 224 -16.93 -35.75 3.53
CA LEU A 224 -16.32 -35.66 4.85
C LEU A 224 -15.12 -34.70 4.76
N GLY A 225 -15.12 -33.68 5.62
CA GLY A 225 -14.02 -32.73 5.64
C GLY A 225 -13.13 -32.95 6.85
N VAL A 226 -11.90 -33.39 6.60
CA VAL A 226 -10.94 -33.65 7.66
C VAL A 226 -10.00 -32.46 7.89
N ALA A 227 -9.69 -32.17 9.14
CA ALA A 227 -8.82 -31.05 9.51
C ALA A 227 -9.26 -29.73 8.85
N PRO A 228 -10.54 -29.38 8.97
CA PRO A 228 -11.02 -28.13 8.35
C PRO A 228 -10.54 -26.83 8.97
N LEU A 229 -10.44 -25.81 8.12
CA LEU A 229 -10.04 -24.46 8.50
C LEU A 229 -11.09 -23.54 7.90
N THR A 230 -11.40 -22.46 8.61
CA THR A 230 -12.41 -21.53 8.12
C THR A 230 -11.84 -20.13 8.30
N SER A 231 -11.87 -19.35 7.23
CA SER A 231 -11.33 -18.01 7.29
C SER A 231 -12.23 -17.00 6.63
N MSE A 232 -11.66 -15.84 6.32
CA MSE A 232 -12.42 -14.76 5.72
C MSE A 232 -11.56 -13.91 4.82
O MSE A 232 -10.42 -13.59 5.16
CB MSE A 232 -13.02 -13.92 6.87
CG MSE A 232 -13.80 -12.68 6.47
SE MSE A 232 -12.77 -11.10 5.97
CE MSE A 232 -14.11 -10.33 4.86
N PHE A 233 -12.13 -13.54 3.67
CA PHE A 233 -11.43 -12.69 2.70
C PHE A 233 -12.45 -11.73 2.09
N LEU A 234 -12.31 -10.43 2.35
CA LEU A 234 -13.24 -9.45 1.80
C LEU A 234 -12.74 -8.93 0.45
N PHE A 235 -11.56 -8.31 0.47
CA PHE A 235 -10.94 -7.79 -0.73
C PHE A 235 -9.42 -7.66 -0.54
N GLY A 236 -8.71 -7.48 -1.65
CA GLY A 236 -7.27 -7.34 -1.62
C GLY A 236 -6.74 -6.83 -2.96
N PRO A 237 -5.42 -6.76 -3.15
CA PRO A 237 -4.93 -6.26 -4.45
C PRO A 237 -5.35 -7.11 -5.65
N ASN A 238 -5.65 -8.40 -5.43
CA ASN A 238 -6.05 -9.26 -6.53
C ASN A 238 -7.49 -8.94 -6.95
N GLN A 239 -8.27 -8.41 -6.02
CA GLN A 239 -9.62 -7.97 -6.32
C GLN A 239 -9.97 -6.90 -5.31
N PRO A 240 -9.50 -5.67 -5.58
CA PRO A 240 -9.68 -4.48 -4.74
C PRO A 240 -11.13 -4.14 -4.44
N SER A 241 -11.34 -3.46 -3.32
CA SER A 241 -12.65 -3.06 -2.88
C SER A 241 -13.30 -2.11 -3.87
N PRO A 242 -14.52 -2.43 -4.34
CA PRO A 242 -15.23 -1.56 -5.29
C PRO A 242 -15.56 -0.20 -4.65
N ALA A 243 -15.86 -0.22 -3.35
CA ALA A 243 -16.19 1.00 -2.63
C ALA A 243 -14.90 1.58 -2.05
N ASN A 244 -14.82 2.90 -1.96
CA ASN A 244 -13.64 3.54 -1.40
C ASN A 244 -13.45 3.03 0.02
N ASN A 245 -12.21 2.74 0.39
CA ASN A 245 -11.89 2.25 1.72
C ASN A 245 -10.44 2.65 1.97
N TYR A 246 -10.16 3.24 3.13
CA TYR A 246 -8.79 3.64 3.42
C TYR A 246 -7.94 2.40 3.64
N ARG A 247 -8.59 1.25 3.77
CA ARG A 247 -7.87 -0.01 3.97
C ARG A 247 -7.56 -0.58 2.60
N PRO A 248 -6.27 -0.81 2.30
CA PRO A 248 -5.93 -1.37 0.98
C PRO A 248 -6.42 -2.81 0.84
N GLU A 249 -6.41 -3.53 1.96
CA GLU A 249 -6.85 -4.93 1.99
C GLU A 249 -7.63 -5.21 3.27
N LEU A 250 -8.39 -6.30 3.27
CA LEU A 250 -9.16 -6.70 4.45
C LEU A 250 -9.42 -8.20 4.37
N HIS A 251 -8.68 -8.98 5.17
CA HIS A 251 -8.83 -10.43 5.16
C HIS A 251 -8.05 -11.13 6.30
N ASP A 252 -8.48 -12.33 6.67
CA ASP A 252 -7.81 -13.09 7.73
C ASP A 252 -6.83 -14.07 7.09
N SER A 253 -7.00 -14.29 5.80
CA SER A 253 -6.15 -15.18 5.01
C SER A 253 -6.25 -14.65 3.59
N ASN A 254 -5.22 -14.86 2.78
CA ASN A 254 -5.29 -14.41 1.39
C ASN A 254 -4.95 -15.51 0.40
N GLY A 255 -4.66 -16.71 0.90
CA GLY A 255 -4.36 -17.81 0.00
C GLY A 255 -4.35 -19.19 0.63
N LEU A 256 -4.55 -20.20 -0.21
CA LEU A 256 -4.53 -21.60 0.24
C LEU A 256 -3.19 -22.15 -0.22
N SER A 257 -2.40 -22.62 0.73
CA SER A 257 -1.09 -23.18 0.40
C SER A 257 -1.16 -24.69 0.51
N ILE A 258 -0.57 -25.38 -0.46
CA ILE A 258 -0.58 -26.85 -0.43
C ILE A 258 0.77 -27.45 -0.81
N HIS A 259 1.21 -28.43 -0.03
CA HIS A 259 2.42 -29.16 -0.36
C HIS A 259 1.79 -30.48 -0.82
N ALA A 260 1.72 -30.65 -2.14
CA ALA A 260 1.09 -31.82 -2.73
C ALA A 260 1.79 -33.14 -2.47
N GLY A 261 1.02 -34.21 -2.66
CA GLY A 261 1.57 -35.54 -2.46
C GLY A 261 2.83 -35.75 -3.26
N ASN A 262 2.90 -35.19 -4.47
CA ASN A 262 4.08 -35.37 -5.31
C ASN A 262 5.18 -34.34 -5.08
N GLY A 263 5.08 -33.56 -4.02
CA GLY A 263 6.13 -32.60 -3.73
C GLY A 263 5.95 -31.18 -4.25
N GLU A 264 5.05 -30.99 -5.20
CA GLU A 264 4.82 -29.66 -5.74
C GLU A 264 4.17 -28.73 -4.71
N TRP A 265 4.57 -27.47 -4.71
CA TRP A 265 3.97 -26.49 -3.82
C TRP A 265 2.98 -25.71 -4.68
N ILE A 266 1.76 -25.54 -4.16
CA ILE A 266 0.71 -24.82 -4.89
C ILE A 266 0.20 -23.66 -4.05
N TRP A 267 -0.07 -22.54 -4.70
CA TRP A 267 -0.60 -21.37 -4.00
C TRP A 267 -1.82 -20.87 -4.74
N ARG A 268 -2.97 -20.94 -4.07
CA ARG A 268 -4.24 -20.50 -4.65
C ARG A 268 -4.73 -19.24 -3.94
N PRO A 269 -4.47 -18.05 -4.53
CA PRO A 269 -4.91 -16.80 -3.91
C PRO A 269 -6.43 -16.86 -3.74
N LEU A 270 -6.93 -16.32 -2.64
CA LEU A 270 -8.36 -16.35 -2.37
C LEU A 270 -9.15 -15.25 -3.06
N ASN A 271 -10.43 -15.54 -3.32
CA ASN A 271 -11.33 -14.57 -3.93
C ASN A 271 -12.59 -14.46 -3.09
N ASN A 272 -13.40 -13.47 -3.43
CA ASN A 272 -14.69 -13.22 -2.79
C ASN A 272 -15.55 -13.17 -4.03
N PRO A 273 -15.85 -14.34 -4.63
CA PRO A 273 -16.65 -14.49 -5.84
C PRO A 273 -18.09 -14.02 -5.69
N LYS A 274 -18.74 -13.77 -6.82
CA LYS A 274 -20.12 -13.35 -6.80
C LYS A 274 -20.99 -14.59 -6.58
N HIS A 275 -20.42 -15.76 -6.86
CA HIS A 275 -21.14 -17.03 -6.70
C HIS A 275 -20.28 -18.08 -6.01
N LEU A 276 -20.92 -18.93 -5.21
CA LEU A 276 -20.26 -20.01 -4.48
C LEU A 276 -19.22 -20.72 -5.35
N ALA A 277 -17.98 -20.79 -4.86
CA ALA A 277 -16.93 -21.46 -5.63
C ALA A 277 -16.26 -22.61 -4.87
N VAL A 278 -16.23 -23.77 -5.51
CA VAL A 278 -15.62 -24.96 -4.93
C VAL A 278 -14.46 -25.39 -5.82
N SER A 279 -13.25 -25.44 -5.26
CA SER A 279 -12.07 -25.85 -5.99
C SER A 279 -11.49 -27.11 -5.36
N SER A 280 -11.19 -28.10 -6.18
CA SER A 280 -10.67 -29.35 -5.68
C SER A 280 -9.30 -29.70 -6.23
N PHE A 281 -8.35 -29.96 -5.33
CA PHE A 281 -7.02 -30.35 -5.77
C PHE A 281 -6.84 -31.82 -5.45
N SER A 282 -7.19 -32.67 -6.41
CA SER A 282 -7.07 -34.12 -6.25
C SER A 282 -5.64 -34.56 -6.14
N MSE A 283 -5.39 -35.49 -5.24
CA MSE A 283 -4.04 -36.00 -5.04
C MSE A 283 -4.10 -37.18 -4.10
O MSE A 283 -5.16 -37.56 -3.61
CB MSE A 283 -3.16 -34.90 -4.45
CG MSE A 283 -3.69 -34.30 -3.16
SE MSE A 283 -2.58 -32.89 -2.42
CE MSE A 283 -3.06 -31.50 -3.67
N GLU A 284 -2.93 -37.76 -3.83
CA GLU A 284 -2.82 -38.90 -2.94
C GLU A 284 -1.76 -38.61 -1.90
N ASN A 285 -2.10 -38.80 -0.63
CA ASN A 285 -1.14 -38.57 0.46
C ASN A 285 -0.65 -37.13 0.56
N PRO A 286 -1.55 -36.17 0.80
CA PRO A 286 -1.13 -34.77 0.91
C PRO A 286 -0.07 -34.59 1.99
N GLN A 287 0.95 -33.79 1.68
CA GLN A 287 2.02 -33.53 2.63
C GLN A 287 1.70 -32.36 3.55
N GLY A 288 0.76 -31.51 3.14
CA GLY A 288 0.37 -30.37 3.94
C GLY A 288 -0.45 -29.33 3.20
N PHE A 289 -1.21 -28.54 3.95
CA PHE A 289 -2.03 -27.49 3.37
C PHE A 289 -2.43 -26.54 4.48
N GLY A 290 -2.76 -25.30 4.13
CA GLY A 290 -3.16 -24.33 5.15
C GLY A 290 -3.65 -23.03 4.54
N LEU A 291 -4.42 -22.26 5.32
CA LEU A 291 -4.88 -20.95 4.87
C LEU A 291 -3.85 -19.98 5.43
N LEU A 292 -3.12 -19.31 4.54
CA LEU A 292 -2.09 -18.40 4.97
C LEU A 292 -2.41 -16.92 4.84
N GLN A 293 -1.66 -16.13 5.61
CA GLN A 293 -1.79 -14.69 5.60
C GLN A 293 -0.41 -14.17 5.24
N ARG A 294 -0.09 -14.15 3.93
CA ARG A 294 1.21 -13.68 3.46
C ARG A 294 1.21 -12.17 3.23
N GLY A 295 2.19 -11.47 3.82
CA GLY A 295 2.26 -10.03 3.68
C GLY A 295 1.71 -9.45 4.98
N ARG A 296 2.59 -9.19 5.94
CA ARG A 296 2.13 -8.69 7.23
C ARG A 296 2.52 -7.25 7.57
N ASP A 297 2.93 -6.47 6.58
CA ASP A 297 3.25 -5.08 6.88
C ASP A 297 1.90 -4.42 7.14
N PHE A 298 1.83 -3.64 8.22
CA PHE A 298 0.60 -2.98 8.61
C PHE A 298 0.01 -2.12 7.49
N SER A 299 0.87 -1.59 6.62
CA SER A 299 0.37 -0.73 5.54
C SER A 299 -0.54 -1.45 4.55
N ARG A 300 -0.57 -2.78 4.57
CA ARG A 300 -1.46 -3.49 3.67
C ARG A 300 -2.88 -3.42 4.21
N PHE A 301 -3.01 -3.21 5.53
CA PHE A 301 -4.32 -3.18 6.18
C PHE A 301 -4.74 -1.82 6.73
N GLU A 302 -3.85 -1.20 7.49
CA GLU A 302 -4.12 0.13 8.01
C GLU A 302 -5.18 0.17 9.14
N ASP A 303 -5.73 -0.99 9.50
CA ASP A 303 -6.77 -1.03 10.54
C ASP A 303 -6.21 -1.25 11.95
N LEU A 304 -6.28 -0.22 12.78
CA LEU A 304 -5.78 -0.26 14.16
C LEU A 304 -6.64 -1.03 15.15
N ASP A 305 -7.91 -1.21 14.84
CA ASP A 305 -8.81 -1.92 15.76
C ASP A 305 -8.78 -3.43 15.57
N ASP A 306 -8.83 -3.88 14.31
CA ASP A 306 -8.85 -5.31 14.02
C ASP A 306 -7.48 -5.97 13.82
N ARG A 307 -6.48 -5.19 13.48
CA ARG A 307 -5.12 -5.72 13.28
C ARG A 307 -4.98 -7.01 12.46
N TYR A 308 -5.55 -7.03 11.26
CA TYR A 308 -5.47 -8.22 10.41
C TYR A 308 -4.01 -8.65 10.20
N ASP A 309 -3.11 -7.69 10.27
CA ASP A 309 -1.68 -7.95 10.08
C ASP A 309 -1.09 -8.88 11.16
N LEU A 310 -1.81 -9.02 12.27
CA LEU A 310 -1.37 -9.87 13.37
C LEU A 310 -2.13 -11.19 13.46
N ARG A 311 -3.02 -11.46 12.50
CA ARG A 311 -3.82 -12.69 12.52
C ARG A 311 -3.08 -13.88 11.91
N PRO A 312 -3.08 -15.01 12.59
CA PRO A 312 -2.42 -16.27 12.22
C PRO A 312 -2.73 -16.95 10.90
N SER A 313 -1.71 -17.64 10.41
CA SER A 313 -1.81 -18.48 9.25
C SER A 313 -2.01 -19.81 9.97
N ALA A 314 -2.68 -20.76 9.34
CA ALA A 314 -2.85 -22.07 9.95
C ALA A 314 -2.37 -23.10 8.95
N TRP A 315 -1.43 -23.94 9.38
CA TRP A 315 -0.90 -24.97 8.49
C TRP A 315 -1.15 -26.34 9.10
N VAL A 316 -1.79 -27.20 8.33
CA VAL A 316 -2.11 -28.56 8.74
C VAL A 316 -1.08 -29.55 8.21
N THR A 317 -0.48 -30.34 9.10
CA THR A 317 0.49 -31.32 8.68
C THR A 317 0.01 -32.73 9.05
N PRO A 318 -0.40 -33.50 8.04
CA PRO A 318 -0.88 -34.86 8.29
C PRO A 318 0.27 -35.73 8.80
N LYS A 319 -0.06 -36.69 9.66
CA LYS A 319 0.93 -37.63 10.16
C LYS A 319 0.53 -38.93 9.48
N GLY A 320 1.29 -39.32 8.47
CA GLY A 320 0.96 -40.55 7.77
C GLY A 320 0.39 -40.28 6.39
N GLU A 321 0.01 -41.35 5.71
CA GLU A 321 -0.53 -41.25 4.37
C GLU A 321 -2.04 -41.23 4.42
N TRP A 322 -2.63 -40.14 3.95
CA TRP A 322 -4.08 -40.02 3.97
C TRP A 322 -4.78 -40.61 2.76
N GLY A 323 -3.99 -41.07 1.79
CA GLY A 323 -4.57 -41.69 0.61
C GLY A 323 -5.16 -40.78 -0.45
N LYS A 324 -6.15 -41.29 -1.17
CA LYS A 324 -6.80 -40.55 -2.23
C LYS A 324 -7.93 -39.65 -1.79
N GLY A 325 -7.87 -38.40 -2.27
CA GLY A 325 -8.89 -37.43 -1.93
C GLY A 325 -8.58 -36.07 -2.52
N SER A 326 -9.05 -35.03 -1.86
CA SER A 326 -8.83 -33.67 -2.33
C SER A 326 -8.73 -32.62 -1.25
N VAL A 327 -7.80 -31.69 -1.44
CA VAL A 327 -7.68 -30.56 -0.55
C VAL A 327 -8.68 -29.67 -1.25
N GLU A 328 -9.79 -29.39 -0.59
CA GLU A 328 -10.84 -28.59 -1.18
C GLU A 328 -10.93 -27.17 -0.61
N LEU A 329 -11.25 -26.22 -1.48
CA LEU A 329 -11.39 -24.82 -1.10
C LEU A 329 -12.79 -24.34 -1.44
N VAL A 330 -13.46 -23.72 -0.48
CA VAL A 330 -14.81 -23.21 -0.69
C VAL A 330 -14.78 -21.70 -0.45
N GLU A 331 -15.20 -20.94 -1.45
CA GLU A 331 -15.23 -19.48 -1.36
C GLU A 331 -16.69 -19.05 -1.47
N ILE A 332 -17.15 -18.34 -0.45
CA ILE A 332 -18.53 -17.89 -0.37
C ILE A 332 -18.66 -16.39 -0.55
N PRO A 333 -19.62 -15.95 -1.39
CA PRO A 333 -19.85 -14.53 -1.64
C PRO A 333 -20.22 -13.84 -0.33
N THR A 334 -19.62 -12.69 -0.07
CA THR A 334 -19.94 -11.94 1.13
C THR A 334 -19.70 -10.45 0.86
N ASN A 335 -20.47 -9.60 1.52
CA ASN A 335 -20.35 -8.16 1.35
C ASN A 335 -19.75 -7.57 2.62
N ASP A 336 -19.66 -8.41 3.63
CA ASP A 336 -19.16 -7.99 4.93
C ASP A 336 -18.05 -8.88 5.47
N GLU A 337 -17.21 -8.30 6.33
CA GLU A 337 -16.13 -9.05 6.93
C GLU A 337 -16.62 -9.76 8.19
N THR A 338 -17.86 -9.50 8.57
CA THR A 338 -18.43 -10.09 9.77
C THR A 338 -18.70 -11.58 9.75
N ASN A 339 -18.81 -12.17 8.56
CA ASN A 339 -19.05 -13.60 8.51
C ASN A 339 -17.97 -14.29 7.67
N ASP A 340 -17.41 -15.38 8.17
CA ASP A 340 -16.37 -16.12 7.45
C ASP A 340 -16.93 -16.63 6.13
N ASN A 341 -16.12 -16.52 5.07
CA ASN A 341 -16.56 -16.96 3.75
C ASN A 341 -15.55 -17.90 3.10
N ILE A 342 -14.60 -18.40 3.87
CA ILE A 342 -13.58 -19.29 3.33
C ILE A 342 -13.47 -20.59 4.13
N VAL A 343 -13.49 -21.72 3.43
CA VAL A 343 -13.38 -22.99 4.08
C VAL A 343 -12.37 -23.86 3.33
N ALA A 344 -11.57 -24.62 4.08
CA ALA A 344 -10.58 -25.49 3.47
C ALA A 344 -10.48 -26.78 4.26
N TYR A 345 -10.21 -27.88 3.56
CA TYR A 345 -10.09 -29.16 4.22
C TYR A 345 -9.68 -30.27 3.30
N TRP A 346 -9.39 -31.41 3.89
CA TRP A 346 -9.03 -32.59 3.15
C TRP A 346 -10.28 -33.45 3.15
N THR A 347 -10.72 -33.86 1.97
CA THR A 347 -11.87 -34.73 1.90
C THR A 347 -11.43 -35.99 1.16
N PRO A 348 -11.61 -37.17 1.77
CA PRO A 348 -11.23 -38.45 1.16
C PRO A 348 -12.19 -38.84 0.04
N ASP A 349 -11.65 -39.49 -0.98
CA ASP A 349 -12.46 -39.94 -2.11
C ASP A 349 -13.47 -40.98 -1.69
N GLN A 350 -13.06 -41.92 -0.85
CA GLN A 350 -13.94 -42.97 -0.39
C GLN A 350 -13.96 -43.06 1.10
N LEU A 351 -15.11 -43.43 1.64
CA LEU A 351 -15.25 -43.59 3.07
C LEU A 351 -15.51 -45.06 3.36
N PRO A 352 -15.20 -45.52 4.57
CA PRO A 352 -15.44 -46.93 4.91
C PRO A 352 -16.91 -47.06 5.34
N GLU A 353 -17.37 -48.30 5.55
CA GLU A 353 -18.75 -48.51 5.96
C GLU A 353 -19.05 -47.89 7.32
N PRO A 354 -20.30 -47.42 7.52
CA PRO A 354 -20.70 -46.81 8.79
C PRO A 354 -20.31 -47.71 9.97
N GLY A 355 -19.86 -47.09 11.06
CA GLY A 355 -19.46 -47.87 12.22
C GLY A 355 -18.00 -48.23 12.18
N LYS A 356 -17.39 -48.17 11.00
CA LYS A 356 -15.98 -48.47 10.84
C LYS A 356 -15.14 -47.27 11.32
N GLU A 357 -14.10 -47.55 12.09
CA GLU A 357 -13.24 -46.50 12.64
C GLU A 357 -12.24 -45.86 11.68
N MSE A 358 -12.16 -44.54 11.73
CA MSE A 358 -11.22 -43.81 10.91
C MSE A 358 -10.25 -43.09 11.84
O MSE A 358 -10.67 -42.43 12.79
CB MSE A 358 -11.94 -42.77 10.04
CG MSE A 358 -12.78 -43.38 8.94
SE MSE A 358 -13.74 -42.02 7.97
CE MSE A 358 -15.38 -42.02 9.00
N ASN A 359 -8.96 -43.22 11.56
CA ASN A 359 -7.95 -42.58 12.39
C ASN A 359 -7.22 -41.47 11.62
N PHE A 360 -7.25 -40.26 12.18
CA PHE A 360 -6.56 -39.14 11.56
C PHE A 360 -5.68 -38.45 12.58
N LYS A 361 -4.39 -38.31 12.25
CA LYS A 361 -3.46 -37.65 13.14
C LYS A 361 -2.82 -36.51 12.36
N TYR A 362 -2.76 -35.33 12.98
CA TYR A 362 -2.17 -34.16 12.33
C TYR A 362 -1.90 -33.06 13.33
N THR A 363 -1.09 -32.08 12.93
CA THR A 363 -0.81 -30.94 13.80
C THR A 363 -1.25 -29.71 13.04
N ILE A 364 -1.71 -28.70 13.77
CA ILE A 364 -2.11 -27.45 13.16
C ILE A 364 -1.19 -26.39 13.78
N THR A 365 -0.45 -25.70 12.93
CA THR A 365 0.47 -24.66 13.36
C THR A 365 -0.11 -23.27 13.08
N PHE A 366 -0.30 -22.49 14.13
CA PHE A 366 -0.83 -21.14 14.01
C PHE A 366 0.40 -20.26 14.10
N SER A 367 0.75 -19.65 12.97
CA SER A 367 1.96 -18.85 12.88
C SER A 367 1.86 -17.53 12.13
N ARG A 368 2.91 -16.70 12.26
CA ARG A 368 3.02 -15.42 11.57
C ARG A 368 4.32 -15.46 10.77
N ASP A 369 4.95 -16.63 10.73
CA ASP A 369 6.19 -16.80 9.99
C ASP A 369 5.91 -17.65 8.77
N GLU A 370 5.26 -17.05 7.78
CA GLU A 370 4.91 -17.75 6.55
C GLU A 370 6.10 -18.37 5.82
N ASP A 371 7.23 -17.67 5.81
CA ASP A 371 8.42 -18.19 5.16
C ASP A 371 8.81 -19.54 5.77
N LYS A 372 8.57 -19.70 7.07
CA LYS A 372 8.91 -20.94 7.77
C LYS A 372 7.89 -22.04 7.50
N LEU A 373 6.77 -21.68 6.87
CA LEU A 373 5.75 -22.65 6.54
C LEU A 373 5.92 -23.06 5.06
N HIS A 374 7.08 -22.74 4.50
CA HIS A 374 7.36 -23.07 3.11
C HIS A 374 8.77 -23.62 2.98
N ALA A 375 8.99 -24.45 1.97
CA ALA A 375 10.32 -24.99 1.74
C ALA A 375 11.25 -23.84 1.34
N PRO A 376 12.44 -23.76 1.95
CA PRO A 376 13.41 -22.71 1.66
C PRO A 376 13.93 -22.65 0.23
N ASP A 377 14.01 -23.80 -0.45
CA ASP A 377 14.50 -23.81 -1.83
C ASP A 377 13.37 -23.74 -2.87
N ASN A 378 12.25 -23.14 -2.49
CA ASN A 378 11.10 -23.02 -3.38
C ASN A 378 10.47 -21.65 -3.15
N ALA A 379 10.57 -20.77 -4.14
CA ALA A 379 10.02 -19.42 -4.04
C ALA A 379 8.49 -19.39 -3.93
N TRP A 380 7.98 -18.42 -3.18
CA TRP A 380 6.54 -18.27 -3.00
C TRP A 380 6.06 -16.90 -3.45
N VAL A 381 4.76 -16.78 -3.64
CA VAL A 381 4.14 -15.54 -4.09
C VAL A 381 3.88 -14.58 -2.93
N GLN A 382 4.57 -13.45 -2.93
CA GLN A 382 4.40 -12.49 -1.85
C GLN A 382 3.08 -11.72 -2.03
N GLN A 383 2.71 -11.43 -3.27
CA GLN A 383 1.47 -10.73 -3.54
C GLN A 383 1.03 -10.86 -4.99
N THR A 384 -0.27 -10.69 -5.21
CA THR A 384 -0.86 -10.75 -6.54
C THR A 384 -1.67 -9.46 -6.71
N ARG A 385 -1.31 -8.67 -7.72
CA ARG A 385 -2.00 -7.41 -7.98
C ARG A 385 -2.69 -7.36 -9.33
N ARG A 386 -4.00 -7.24 -9.31
CA ARG A 386 -4.76 -7.16 -10.55
C ARG A 386 -4.62 -5.75 -11.14
N SER A 387 -4.60 -5.68 -12.46
CA SER A 387 -4.46 -4.42 -13.17
C SER A 387 -5.15 -4.51 -14.52
N THR A 388 -5.50 -3.38 -15.12
CA THR A 388 -6.14 -3.41 -16.44
C THR A 388 -5.15 -3.99 -17.45
N GLY A 389 -5.68 -4.56 -18.52
CA GLY A 389 -4.87 -5.17 -19.55
C GLY A 389 -3.42 -4.75 -19.73
N ASP A 390 -3.19 -3.52 -20.20
CA ASP A 390 -1.84 -3.05 -20.43
C ASP A 390 -1.22 -2.39 -19.20
N VAL A 391 -0.35 -3.15 -18.52
CA VAL A 391 0.32 -2.68 -17.31
C VAL A 391 1.17 -1.41 -17.47
N LYS A 392 1.50 -1.06 -18.71
CA LYS A 392 2.28 0.14 -18.95
C LYS A 392 1.36 1.35 -18.82
N GLN A 393 0.13 1.18 -19.30
CA GLN A 393 -0.90 2.22 -19.28
C GLN A 393 -1.39 2.56 -17.87
N SER A 394 -1.65 3.84 -17.63
CA SER A 394 -2.15 4.30 -16.33
C SER A 394 -3.28 5.30 -16.49
N ASN A 395 -3.69 5.54 -17.73
CA ASN A 395 -4.78 6.48 -18.03
C ASN A 395 -6.00 6.15 -17.16
N LEU A 396 -6.65 7.19 -16.64
CA LEU A 396 -7.80 7.02 -15.77
C LEU A 396 -9.12 6.77 -16.49
N ILE A 397 -9.23 7.20 -17.74
CA ILE A 397 -10.46 7.03 -18.51
C ILE A 397 -10.32 5.99 -19.63
N ARG A 398 -9.49 4.98 -19.41
CA ARG A 398 -9.29 3.96 -20.41
C ARG A 398 -10.47 2.97 -20.40
N GLN A 399 -11.05 2.73 -21.58
CA GLN A 399 -12.17 1.82 -21.71
C GLN A 399 -11.69 0.37 -21.79
N PRO A 400 -12.37 -0.55 -21.12
CA PRO A 400 -11.99 -1.97 -21.12
C PRO A 400 -11.68 -2.48 -22.52
N ASP A 401 -10.58 -3.23 -22.64
CA ASP A 401 -10.17 -3.77 -23.93
C ASP A 401 -10.28 -5.29 -23.88
N GLY A 402 -11.10 -5.78 -22.96
CA GLY A 402 -11.32 -7.22 -22.82
C GLY A 402 -10.20 -8.01 -22.17
N THR A 403 -9.04 -7.38 -21.97
CA THR A 403 -7.92 -8.07 -21.37
C THR A 403 -7.66 -7.63 -19.92
N ILE A 404 -7.07 -8.52 -19.14
CA ILE A 404 -6.76 -8.24 -17.74
C ILE A 404 -5.36 -8.74 -17.41
N ALA A 405 -4.69 -8.07 -16.47
CA ALA A 405 -3.34 -8.47 -16.10
C ALA A 405 -3.15 -8.72 -14.61
N PHE A 406 -2.13 -9.51 -14.30
CA PHE A 406 -1.80 -9.84 -12.92
C PHE A 406 -0.29 -9.71 -12.69
N VAL A 407 0.08 -8.95 -11.67
CA VAL A 407 1.49 -8.77 -11.33
C VAL A 407 1.69 -9.70 -10.13
N VAL A 408 2.48 -10.74 -10.33
CA VAL A 408 2.74 -11.73 -9.31
C VAL A 408 4.20 -11.67 -8.88
N ASP A 409 4.42 -11.31 -7.62
CA ASP A 409 5.78 -11.19 -7.11
C ASP A 409 6.27 -12.38 -6.28
N PHE A 410 7.39 -12.95 -6.70
CA PHE A 410 7.97 -14.09 -6.02
C PHE A 410 9.22 -13.70 -5.23
N THR A 411 9.44 -14.42 -4.14
CA THR A 411 10.59 -14.17 -3.30
C THR A 411 10.80 -15.46 -2.51
N GLY A 412 11.98 -15.60 -1.92
CA GLY A 412 12.28 -16.79 -1.15
C GLY A 412 13.69 -16.70 -0.64
N ALA A 413 14.03 -17.59 0.30
CA ALA A 413 15.36 -17.62 0.90
C ALA A 413 16.43 -17.85 -0.17
N GLU A 414 16.25 -18.87 -0.98
CA GLU A 414 17.24 -19.14 -2.02
C GLU A 414 17.16 -18.13 -3.15
N MSE A 415 15.95 -17.70 -3.52
CA MSE A 415 15.81 -16.75 -4.60
C MSE A 415 16.52 -15.41 -4.32
O MSE A 415 17.11 -14.81 -5.21
CB MSE A 415 14.33 -16.52 -4.89
CG MSE A 415 14.09 -15.58 -6.05
SE MSE A 415 12.25 -15.54 -6.60
CE MSE A 415 12.23 -17.10 -7.74
N LYS A 416 16.45 -14.96 -3.07
CA LYS A 416 17.08 -13.71 -2.68
C LYS A 416 18.60 -13.68 -2.92
N LYS A 417 19.19 -14.85 -3.12
CA LYS A 417 20.62 -14.96 -3.34
C LYS A 417 20.99 -15.04 -4.82
N LEU A 418 20.04 -15.47 -5.65
CA LEU A 418 20.26 -15.58 -7.07
C LEU A 418 20.71 -14.27 -7.69
N PRO A 419 21.58 -14.34 -8.71
CA PRO A 419 22.06 -13.12 -9.38
C PRO A 419 20.96 -12.49 -10.22
N GLU A 420 21.00 -11.16 -10.33
CA GLU A 420 20.00 -10.43 -11.10
C GLU A 420 19.76 -10.96 -12.51
N ASP A 421 20.85 -11.22 -13.23
CA ASP A 421 20.73 -11.69 -14.61
C ASP A 421 20.27 -13.13 -14.77
N THR A 422 19.90 -13.79 -13.69
CA THR A 422 19.42 -15.17 -13.76
C THR A 422 18.26 -15.22 -14.76
N PRO A 423 18.40 -16.00 -15.84
CA PRO A 423 17.34 -16.11 -16.85
C PRO A 423 16.11 -16.86 -16.33
N VAL A 424 15.28 -16.19 -15.55
CA VAL A 424 14.08 -16.81 -14.97
C VAL A 424 12.92 -16.81 -15.97
N THR A 425 12.39 -18.01 -16.26
CA THR A 425 11.28 -18.16 -17.18
C THR A 425 10.01 -18.51 -16.40
N ALA A 426 8.89 -18.56 -17.10
CA ALA A 426 7.60 -18.87 -16.47
C ALA A 426 6.82 -19.91 -17.27
N GLN A 427 6.51 -21.03 -16.62
CA GLN A 427 5.73 -22.06 -17.27
C GLN A 427 4.29 -21.71 -16.97
N THR A 428 3.55 -21.33 -18.01
CA THR A 428 2.17 -20.93 -17.81
C THR A 428 1.19 -21.87 -18.46
N SER A 429 -0.08 -21.67 -18.14
CA SER A 429 -1.16 -22.49 -18.64
C SER A 429 -2.45 -21.78 -18.27
N ILE A 430 -3.51 -22.01 -19.04
CA ILE A 430 -4.79 -21.39 -18.76
C ILE A 430 -5.91 -22.29 -19.29
N GLY A 431 -7.08 -22.17 -18.69
CA GLY A 431 -8.22 -22.97 -19.11
C GLY A 431 -8.71 -22.55 -20.48
N ASP A 432 -9.70 -23.27 -21.01
CA ASP A 432 -10.24 -22.97 -22.33
C ASP A 432 -10.98 -21.65 -22.44
N ASN A 433 -11.47 -21.13 -21.31
CA ASN A 433 -12.21 -19.87 -21.33
C ASN A 433 -11.29 -18.66 -21.42
N GLY A 434 -9.98 -18.88 -21.30
CA GLY A 434 -9.07 -17.76 -21.35
C GLY A 434 -7.92 -17.97 -22.32
N GLU A 435 -7.16 -16.89 -22.54
CA GLU A 435 -6.01 -16.92 -23.44
C GLU A 435 -4.92 -16.02 -22.88
N ILE A 436 -3.69 -16.53 -22.81
CA ILE A 436 -2.58 -15.75 -22.31
C ILE A 436 -2.02 -14.88 -23.43
N VAL A 437 -2.23 -13.59 -23.32
CA VAL A 437 -1.78 -12.63 -24.33
C VAL A 437 -0.30 -12.28 -24.19
N GLU A 438 0.13 -12.07 -22.95
CA GLU A 438 1.52 -11.72 -22.66
C GLU A 438 1.93 -12.34 -21.33
N SER A 439 3.18 -12.79 -21.26
CA SER A 439 3.71 -13.39 -20.05
C SER A 439 5.19 -13.03 -19.96
N THR A 440 5.53 -12.08 -19.09
CA THR A 440 6.92 -11.66 -18.94
C THR A 440 7.38 -11.77 -17.49
N VAL A 441 8.67 -12.00 -17.32
CA VAL A 441 9.29 -12.12 -16.01
C VAL A 441 10.48 -11.18 -15.92
N ARG A 442 10.57 -10.42 -14.85
CA ARG A 442 11.69 -9.51 -14.68
C ARG A 442 12.15 -9.48 -13.22
N TYR A 443 13.42 -9.14 -13.01
CA TYR A 443 14.00 -9.08 -11.67
C TYR A 443 13.48 -7.87 -10.92
N ASN A 444 13.24 -8.03 -9.62
CA ASN A 444 12.77 -6.92 -8.80
C ASN A 444 13.92 -6.54 -7.86
N PRO A 445 14.70 -5.53 -8.23
CA PRO A 445 15.83 -5.11 -7.40
C PRO A 445 15.44 -4.66 -6.00
N VAL A 446 14.19 -4.30 -5.81
CA VAL A 446 13.73 -3.85 -4.50
C VAL A 446 13.55 -5.04 -3.56
N THR A 447 12.92 -6.10 -4.05
CA THR A 447 12.66 -7.28 -3.26
C THR A 447 13.72 -8.38 -3.35
N LYS A 448 14.55 -8.32 -4.39
CA LYS A 448 15.58 -9.34 -4.60
C LYS A 448 14.88 -10.63 -5.05
N GLY A 449 13.75 -10.47 -5.73
CA GLY A 449 12.98 -11.60 -6.20
C GLY A 449 12.63 -11.35 -7.66
N TRP A 450 11.68 -12.09 -8.18
CA TRP A 450 11.26 -11.95 -9.57
C TRP A 450 9.78 -11.65 -9.71
N ARG A 451 9.46 -10.77 -10.66
CA ARG A 451 8.09 -10.36 -10.90
C ARG A 451 7.53 -10.88 -12.22
N LEU A 452 6.40 -11.57 -12.13
CA LEU A 452 5.73 -12.11 -13.31
C LEU A 452 4.55 -11.21 -13.67
N VAL A 453 4.42 -10.88 -14.95
CA VAL A 453 3.30 -10.08 -15.37
C VAL A 453 2.55 -10.90 -16.40
N MSE A 454 1.35 -11.31 -16.05
CA MSE A 454 0.55 -12.08 -16.98
C MSE A 454 -0.67 -11.29 -17.38
O MSE A 454 -1.35 -10.72 -16.54
CB MSE A 454 0.13 -13.40 -16.34
CG MSE A 454 -0.56 -14.32 -17.32
SE MSE A 454 -0.83 -16.08 -16.61
CE MSE A 454 1.01 -16.44 -16.13
N ARG A 455 -0.91 -11.25 -18.68
CA ARG A 455 -2.05 -10.55 -19.24
C ARG A 455 -2.84 -11.64 -19.96
N VAL A 456 -4.11 -11.76 -19.63
CA VAL A 456 -4.95 -12.77 -20.26
C VAL A 456 -6.25 -12.16 -20.73
N LYS A 457 -6.87 -12.73 -21.74
CA LYS A 457 -8.14 -12.19 -22.16
C LYS A 457 -9.19 -13.26 -21.91
N VAL A 458 -10.34 -12.83 -21.41
CA VAL A 458 -11.42 -13.74 -21.09
C VAL A 458 -12.36 -13.81 -22.27
N LYS A 459 -12.72 -15.03 -22.67
CA LYS A 459 -13.63 -15.21 -23.78
C LYS A 459 -15.05 -14.91 -23.31
N ASP A 460 -15.46 -15.54 -22.21
CA ASP A 460 -16.80 -15.31 -21.67
C ASP A 460 -16.67 -14.89 -20.22
N ALA A 461 -16.99 -13.64 -19.92
CA ALA A 461 -16.90 -13.12 -18.57
C ALA A 461 -17.90 -13.77 -17.62
N LYS A 462 -18.88 -14.47 -18.17
CA LYS A 462 -19.89 -15.12 -17.35
C LYS A 462 -19.42 -16.48 -16.86
N LYS A 463 -18.27 -16.92 -17.35
CA LYS A 463 -17.73 -18.20 -16.97
C LYS A 463 -16.47 -18.05 -16.12
N THR A 464 -16.11 -19.12 -15.41
CA THR A 464 -14.91 -19.09 -14.57
C THR A 464 -13.66 -19.28 -15.43
N THR A 465 -12.57 -18.61 -15.05
CA THR A 465 -11.33 -18.74 -15.80
C THR A 465 -10.18 -19.12 -14.87
N GLU A 466 -9.49 -20.22 -15.18
CA GLU A 466 -8.37 -20.64 -14.34
C GLU A 466 -7.04 -20.67 -15.08
N MSE A 467 -5.99 -20.21 -14.41
CA MSE A 467 -4.66 -20.20 -15.00
C MSE A 467 -3.63 -20.67 -13.98
O MSE A 467 -3.90 -20.73 -12.78
CB MSE A 467 -4.29 -18.80 -15.49
CG MSE A 467 -4.38 -17.74 -14.42
SE MSE A 467 -5.66 -16.37 -14.89
CE MSE A 467 -4.43 -14.92 -15.12
N ARG A 468 -2.44 -20.99 -14.46
CA ARG A 468 -1.37 -21.44 -13.60
C ARG A 468 -0.04 -20.89 -14.10
N ALA A 469 0.89 -20.71 -13.18
CA ALA A 469 2.22 -20.20 -13.53
C ALA A 469 3.22 -20.58 -12.46
N ALA A 470 4.42 -20.94 -12.90
CA ALA A 470 5.48 -21.29 -11.98
C ALA A 470 6.79 -20.79 -12.57
N LEU A 471 7.67 -20.26 -11.74
CA LEU A 471 8.95 -19.77 -12.19
C LEU A 471 9.94 -20.91 -12.35
N VAL A 472 10.37 -20.80 -13.57
CA VAL A 472 11.41 -21.81 -13.73
C VAL A 472 12.69 -21.21 -14.23
N ASN A 473 13.66 -21.97 -13.97
CA ASN A 473 15.00 -21.71 -14.35
C ASN A 473 15.20 -22.64 -15.54
N ALA A 474 16.40 -22.92 -15.89
CA ALA A 474 16.63 -23.80 -17.02
C ALA A 474 16.80 -25.21 -16.54
N ASP A 475 17.49 -25.28 -15.46
CA ASP A 475 17.80 -26.55 -14.87
C ASP A 475 16.70 -27.00 -13.89
N GLN A 476 15.89 -26.08 -13.35
CA GLN A 476 14.86 -26.51 -12.37
C GLN A 476 13.70 -25.53 -12.18
N THR A 477 12.82 -25.97 -11.27
CA THR A 477 11.62 -25.23 -10.86
C THR A 477 11.98 -24.33 -9.68
N LEU A 478 11.87 -23.10 -9.85
CA LEU A 478 12.31 -22.18 -8.81
C LEU A 478 11.22 -21.79 -7.81
N SER A 479 9.96 -21.92 -8.20
CA SER A 479 8.90 -21.50 -7.31
C SER A 479 7.71 -22.44 -7.24
N GLU A 480 6.83 -22.13 -6.29
CA GLU A 480 5.60 -22.87 -6.10
C GLU A 480 4.79 -22.51 -7.34
N THR A 481 3.68 -23.21 -7.55
CA THR A 481 2.83 -22.96 -8.68
C THR A 481 1.70 -22.02 -8.31
N TRP A 482 1.70 -20.85 -8.93
CA TRP A 482 0.66 -19.86 -8.71
C TRP A 482 -0.55 -20.42 -9.45
N SER A 483 -1.56 -20.82 -8.69
CA SER A 483 -2.78 -21.38 -9.25
C SER A 483 -3.92 -20.39 -8.94
N TYR A 484 -4.26 -19.58 -9.93
CA TYR A 484 -5.27 -18.55 -9.76
C TYR A 484 -6.59 -18.84 -10.47
N GLN A 485 -7.68 -18.35 -9.89
CA GLN A 485 -8.99 -18.52 -10.49
C GLN A 485 -9.74 -17.20 -10.61
N LEU A 486 -10.10 -16.83 -11.83
CA LEU A 486 -10.87 -15.61 -12.06
C LEU A 486 -12.32 -16.05 -12.00
N PRO A 487 -13.01 -15.76 -10.88
CA PRO A 487 -14.41 -16.13 -10.68
C PRO A 487 -15.32 -15.70 -11.83
N ALA A 488 -16.42 -16.42 -12.02
CA ALA A 488 -17.35 -16.08 -13.08
C ALA A 488 -17.92 -14.71 -12.75
N ASN A 489 -18.19 -13.92 -13.79
CA ASN A 489 -18.75 -12.58 -13.65
C ASN A 489 -17.83 -11.59 -12.93
N GLU A 490 -16.54 -11.92 -12.87
CA GLU A 490 -15.58 -11.04 -12.19
C GLU A 490 -15.09 -9.88 -13.05
N VAL A 491 -14.83 -10.13 -14.33
CA VAL A 491 -14.34 -9.09 -15.23
C VAL A 491 -15.42 -8.61 -16.22
N GLU A 492 -16.68 -8.70 -15.81
CA GLU A 492 -17.79 -8.31 -16.65
C GLU A 492 -18.18 -6.84 -16.49
N HIS A 493 -18.32 -6.12 -17.60
CA HIS A 493 -18.70 -4.71 -17.57
C HIS A 493 -20.22 -4.60 -17.67
N HIS A 494 -20.81 -3.55 -17.11
CA HIS A 494 -22.26 -3.40 -17.18
C HIS A 494 -22.82 -1.98 -17.03
N HIS A 495 -24.08 -1.83 -17.43
CA HIS A 495 -24.85 -0.58 -17.33
C HIS A 495 -24.58 0.54 -18.33
N MET B 1 35.89 41.78 -15.04
CA MET B 1 35.50 40.36 -14.89
C MET B 1 34.06 40.14 -15.32
N PHE B 2 33.58 38.91 -15.15
CA PHE B 2 32.21 38.58 -15.52
C PHE B 2 31.38 38.32 -14.28
N SER B 3 30.12 38.73 -14.32
CA SER B 3 29.22 38.53 -13.19
C SER B 3 27.80 38.76 -13.66
N ILE B 4 26.85 38.59 -12.76
CA ILE B 4 25.44 38.76 -13.11
C ILE B 4 25.17 40.15 -13.68
N ASP B 5 26.03 41.12 -13.37
CA ASP B 5 25.83 42.47 -13.87
C ASP B 5 25.94 42.56 -15.39
N ASP B 6 26.84 41.79 -15.97
CA ASP B 6 27.01 41.78 -17.42
C ASP B 6 25.71 41.32 -18.05
N VAL B 7 25.10 40.31 -17.45
CA VAL B 7 23.85 39.76 -17.95
C VAL B 7 22.68 40.71 -17.65
N ALA B 8 22.74 41.37 -16.50
CA ALA B 8 21.69 42.30 -16.10
C ALA B 8 21.56 43.48 -17.06
N LYS B 9 22.70 44.01 -17.52
CA LYS B 9 22.66 45.13 -18.45
C LYS B 9 21.96 44.70 -19.74
N GLN B 10 22.28 43.51 -20.22
CA GLN B 10 21.63 42.98 -21.41
C GLN B 10 20.12 42.88 -21.17
N ALA B 11 19.75 42.42 -19.97
CA ALA B 11 18.34 42.26 -19.62
C ALA B 11 17.63 43.61 -19.56
N GLN B 12 18.30 44.61 -19.01
CA GLN B 12 17.74 45.95 -18.90
C GLN B 12 17.55 46.56 -20.28
N SER B 13 18.56 46.42 -21.12
CA SER B 13 18.50 46.94 -22.47
C SER B 13 17.30 46.34 -23.20
N LEU B 14 17.19 45.01 -23.15
CA LEU B 14 16.10 44.30 -23.80
C LEU B 14 14.73 44.74 -23.28
N ALA B 15 14.65 45.00 -21.98
CA ALA B 15 13.41 45.41 -21.36
C ALA B 15 12.98 46.81 -21.81
N GLY B 16 13.94 47.66 -22.14
CA GLY B 16 13.62 49.01 -22.58
C GLY B 16 13.36 49.12 -24.07
N LYS B 17 13.25 47.98 -24.74
CA LYS B 17 13.00 47.95 -26.19
C LYS B 17 11.83 47.01 -26.47
N GLY B 18 11.25 47.14 -27.66
CA GLY B 18 10.14 46.28 -28.02
C GLY B 18 10.61 44.85 -28.02
N TYR B 19 9.70 43.93 -27.70
CA TYR B 19 10.03 42.51 -27.67
C TYR B 19 10.32 42.01 -29.09
N GLU B 20 11.40 41.24 -29.22
CA GLU B 20 11.79 40.69 -30.51
C GLU B 20 11.22 39.28 -30.52
N THR B 21 10.15 39.06 -31.29
CA THR B 21 9.56 37.73 -31.34
C THR B 21 10.48 36.74 -32.03
N PRO B 22 10.85 35.66 -31.33
CA PRO B 22 11.74 34.63 -31.88
C PRO B 22 11.11 33.90 -33.06
N LYS B 23 11.91 33.67 -34.10
CA LYS B 23 11.43 32.97 -35.29
C LYS B 23 12.13 31.62 -35.44
N SER B 24 11.33 30.59 -35.69
CA SER B 24 11.84 29.24 -35.86
C SER B 24 12.93 29.17 -36.91
N ASN B 25 14.06 28.60 -36.55
CA ASN B 25 15.19 28.47 -37.44
C ASN B 25 15.30 27.04 -37.98
N LEU B 26 14.25 26.25 -37.74
CA LEU B 26 14.20 24.85 -38.16
C LEU B 26 13.75 24.62 -39.60
N PRO B 27 14.41 23.68 -40.29
CA PRO B 27 14.05 23.36 -41.68
C PRO B 27 12.76 22.53 -41.68
N SER B 28 12.69 21.51 -42.53
CA SER B 28 11.51 20.64 -42.66
C SER B 28 10.58 20.65 -41.43
N MSE B 33 8.81 16.55 -37.77
CA MSE B 33 9.71 15.42 -37.57
C MSE B 33 9.09 14.39 -36.62
O MSE B 33 8.68 14.73 -35.51
CB MSE B 33 11.05 15.90 -36.99
CG MSE B 33 12.05 14.77 -36.69
SE MSE B 33 13.73 15.37 -35.91
CE MSE B 33 14.74 15.66 -37.53
N LYS B 34 9.02 13.15 -37.07
CA LYS B 34 8.46 12.09 -36.23
C LYS B 34 9.30 11.88 -35.00
N TYR B 35 8.64 11.83 -33.84
CA TYR B 35 9.33 11.64 -32.57
C TYR B 35 10.39 10.54 -32.62
N ALA B 36 10.03 9.37 -33.15
CA ALA B 36 10.98 8.27 -33.24
C ALA B 36 12.22 8.64 -34.04
N ASP B 37 12.08 9.65 -34.91
CA ASP B 37 13.20 10.10 -35.72
C ASP B 37 14.09 11.08 -34.97
N TYR B 38 13.51 11.74 -33.97
CA TYR B 38 14.26 12.69 -33.16
C TYR B 38 15.08 11.94 -32.12
N GLN B 39 14.59 10.77 -31.72
CA GLN B 39 15.27 9.95 -30.72
C GLN B 39 16.56 9.33 -31.19
N GLN B 40 16.72 9.13 -32.49
CA GLN B 40 17.95 8.53 -32.97
C GLN B 40 19.07 9.57 -33.02
N ILE B 41 18.72 10.82 -32.74
CA ILE B 41 19.71 11.89 -32.68
C ILE B 41 20.18 11.88 -31.24
N GLN B 42 21.37 11.34 -31.00
CA GLN B 42 21.91 11.27 -29.65
C GLN B 42 23.23 12.02 -29.52
N PHE B 43 23.53 12.47 -28.32
CA PHE B 43 24.78 13.18 -28.06
C PHE B 43 25.92 12.18 -27.98
N ASN B 44 27.06 12.53 -28.56
CA ASN B 44 28.22 11.67 -28.55
C ASN B 44 29.07 12.03 -27.33
N HIS B 45 28.97 11.23 -26.28
CA HIS B 45 29.70 11.46 -25.03
C HIS B 45 31.18 11.74 -25.19
N ASP B 46 31.79 11.21 -26.24
CA ASP B 46 33.21 11.45 -26.45
C ASP B 46 33.43 12.92 -26.76
N LYS B 47 32.35 13.63 -27.05
CA LYS B 47 32.41 15.05 -27.38
C LYS B 47 32.00 15.97 -26.23
N ALA B 48 31.79 15.38 -25.05
CA ALA B 48 31.39 16.18 -23.90
C ALA B 48 32.31 17.36 -23.67
N TYR B 49 31.72 18.48 -23.29
CA TYR B 49 32.51 19.66 -23.02
C TYR B 49 33.28 19.41 -21.72
N TRP B 50 34.58 19.73 -21.75
CA TRP B 50 35.51 19.56 -20.64
C TRP B 50 36.11 18.15 -20.54
N ASN B 51 35.96 17.36 -21.61
CA ASN B 51 36.53 16.00 -21.64
C ASN B 51 38.05 16.10 -21.64
N ASN B 52 38.55 17.31 -21.86
CA ASN B 52 39.99 17.57 -21.91
C ASN B 52 40.40 18.39 -20.70
N LEU B 53 39.57 18.39 -19.68
CA LEU B 53 39.85 19.14 -18.47
C LEU B 53 39.80 18.27 -17.24
N LYS B 54 40.52 18.73 -16.22
CA LYS B 54 40.56 18.05 -14.95
C LYS B 54 39.43 18.67 -14.14
N THR B 55 38.28 18.01 -14.15
CA THR B 55 37.12 18.48 -13.40
C THR B 55 36.04 17.44 -13.47
N PRO B 56 35.40 17.14 -12.34
CA PRO B 56 34.33 16.14 -12.34
C PRO B 56 33.13 16.55 -13.21
N PHE B 57 32.93 17.85 -13.39
CA PHE B 57 31.80 18.33 -14.20
C PHE B 57 32.05 18.10 -15.67
N LYS B 58 30.96 18.02 -16.42
CA LYS B 58 31.00 17.80 -17.85
C LYS B 58 29.70 18.36 -18.44
N LEU B 59 29.77 18.86 -19.67
CA LEU B 59 28.57 19.40 -20.30
C LEU B 59 28.23 18.66 -21.59
N GLU B 60 26.95 18.35 -21.76
CA GLU B 60 26.49 17.71 -22.99
C GLU B 60 25.36 18.60 -23.50
N PHE B 61 25.02 18.47 -24.78
CA PHE B 61 23.97 19.32 -25.33
C PHE B 61 22.79 18.61 -25.95
N TYR B 62 21.70 19.34 -26.12
CA TYR B 62 20.49 18.79 -26.72
C TYR B 62 20.40 19.32 -28.13
N HIS B 63 19.87 18.50 -29.03
CA HIS B 63 19.76 18.91 -30.42
C HIS B 63 18.38 19.49 -30.72
N GLN B 64 18.32 20.44 -31.65
CA GLN B 64 17.06 21.05 -32.03
C GLN B 64 16.18 20.07 -32.80
N GLY B 65 14.86 20.30 -32.74
CA GLY B 65 13.93 19.43 -33.43
C GLY B 65 12.57 19.52 -32.79
N MSE B 66 11.53 19.15 -33.55
CA MSE B 66 10.17 19.17 -33.07
C MSE B 66 9.81 20.53 -32.49
O MSE B 66 10.03 21.56 -33.12
CB MSE B 66 9.97 18.07 -32.03
CG MSE B 66 10.37 16.71 -32.53
SE MSE B 66 9.72 15.29 -31.41
CE MSE B 66 10.54 15.82 -29.74
N TYR B 67 9.27 20.55 -31.27
CA TYR B 67 8.88 21.81 -30.66
C TYR B 67 10.04 22.68 -30.15
N PHE B 68 11.27 22.20 -30.31
CA PHE B 68 12.44 22.98 -29.92
C PHE B 68 12.83 23.76 -31.16
N ASP B 69 11.92 24.60 -31.64
CA ASP B 69 12.13 25.39 -32.84
C ASP B 69 12.99 26.64 -32.71
N THR B 70 13.56 26.87 -31.53
CA THR B 70 14.43 28.02 -31.35
C THR B 70 15.66 27.57 -30.57
N PRO B 71 16.82 28.15 -30.89
CA PRO B 71 18.03 27.75 -30.19
C PRO B 71 18.38 28.64 -29.02
N VAL B 72 19.32 28.16 -28.21
CA VAL B 72 19.81 28.92 -27.06
C VAL B 72 21.31 29.07 -27.32
N LYS B 73 21.85 30.24 -27.01
CA LYS B 73 23.27 30.47 -27.19
C LYS B 73 23.95 30.07 -25.90
N ILE B 74 25.06 29.34 -26.02
CA ILE B 74 25.81 28.91 -24.85
C ILE B 74 27.26 29.38 -24.91
N ASN B 75 27.71 30.00 -23.84
CA ASN B 75 29.09 30.48 -23.78
C ASN B 75 29.79 29.90 -22.56
N GLU B 76 31.11 29.80 -22.67
CA GLU B 76 31.92 29.33 -21.57
C GLU B 76 32.66 30.55 -21.07
N VAL B 77 32.69 30.76 -19.77
CA VAL B 77 33.39 31.90 -19.19
C VAL B 77 34.69 31.41 -18.57
N THR B 78 35.80 31.86 -19.11
CA THR B 78 37.10 31.48 -18.58
C THR B 78 37.67 32.67 -17.84
N ALA B 79 38.89 32.53 -17.33
CA ALA B 79 39.51 33.63 -16.61
C ALA B 79 39.71 34.90 -17.44
N THR B 80 39.95 34.73 -18.75
CA THR B 80 40.17 35.90 -19.60
C THR B 80 39.19 36.11 -20.74
N ALA B 81 38.17 35.26 -20.86
CA ALA B 81 37.24 35.45 -21.96
C ALA B 81 35.91 34.72 -21.88
N VAL B 82 34.99 35.20 -22.71
CA VAL B 82 33.67 34.64 -22.85
C VAL B 82 33.69 34.05 -24.26
N LYS B 83 33.81 32.73 -24.37
CA LYS B 83 33.83 32.13 -25.69
C LYS B 83 32.53 31.40 -26.00
N ARG B 84 32.04 31.62 -27.21
CA ARG B 84 30.80 31.00 -27.66
C ARG B 84 31.04 29.53 -27.99
N ILE B 85 30.25 28.63 -27.42
CA ILE B 85 30.38 27.22 -27.73
C ILE B 85 29.48 27.00 -28.93
N LYS B 86 30.09 26.99 -30.11
CA LYS B 86 29.36 26.84 -31.36
C LYS B 86 28.75 25.47 -31.60
N TYR B 87 27.52 25.49 -32.10
CA TYR B 87 26.81 24.25 -32.40
C TYR B 87 27.50 23.55 -33.56
N SER B 88 27.37 22.23 -33.61
CA SER B 88 27.97 21.45 -34.67
C SER B 88 27.35 20.07 -34.65
N PRO B 89 27.02 19.53 -35.82
CA PRO B 89 26.41 18.21 -35.85
C PRO B 89 27.37 17.13 -35.33
N ASP B 90 28.64 17.48 -35.26
CA ASP B 90 29.67 16.54 -34.80
C ASP B 90 29.52 16.10 -33.36
N TYR B 91 28.69 16.82 -32.60
CA TYR B 91 28.46 16.47 -31.21
C TYR B 91 27.46 15.34 -31.09
N PHE B 92 26.75 15.07 -32.18
CA PHE B 92 25.73 14.02 -32.14
C PHE B 92 25.87 12.98 -33.24
N THR B 93 25.01 11.96 -33.14
CA THR B 93 24.92 10.90 -34.13
C THR B 93 23.46 11.05 -34.55
N PHE B 94 23.13 10.78 -35.81
CA PHE B 94 21.76 10.95 -36.26
C PHE B 94 21.09 9.71 -36.79
N GLY B 95 21.80 8.59 -36.81
CA GLY B 95 21.20 7.37 -37.33
C GLY B 95 20.72 7.66 -38.75
N ASP B 96 19.40 7.53 -38.96
CA ASP B 96 18.83 7.78 -40.27
C ASP B 96 18.22 9.18 -40.40
N VAL B 97 19.01 10.20 -40.08
CA VAL B 97 18.54 11.58 -40.17
C VAL B 97 19.48 12.45 -41.00
N GLN B 98 18.90 13.43 -41.70
CA GLN B 98 19.62 14.35 -42.59
C GLN B 98 21.00 14.87 -42.15
N HIS B 99 20.99 15.95 -41.36
CA HIS B 99 22.20 16.61 -40.88
C HIS B 99 23.29 16.92 -41.92
N ASP B 100 22.90 17.62 -42.98
CA ASP B 100 23.83 18.02 -44.05
C ASP B 100 24.32 19.43 -43.73
N LYS B 101 25.55 19.74 -44.15
CA LYS B 101 26.11 21.07 -43.92
C LYS B 101 25.09 22.14 -44.32
N ASP B 102 24.25 21.80 -45.29
CA ASP B 102 23.26 22.74 -45.77
C ASP B 102 21.96 22.73 -44.99
N THR B 103 21.59 21.59 -44.44
CA THR B 103 20.36 21.50 -43.67
C THR B 103 20.49 21.93 -42.21
N VAL B 104 21.70 21.87 -41.66
CA VAL B 104 21.93 22.23 -40.26
C VAL B 104 22.82 23.46 -40.08
N LYS B 105 23.08 24.20 -41.17
CA LYS B 105 23.96 25.36 -41.09
C LYS B 105 23.45 26.44 -40.13
N ASP B 106 22.13 26.62 -40.06
CA ASP B 106 21.58 27.63 -39.18
C ASP B 106 20.93 27.11 -37.91
N LEU B 107 21.41 25.97 -37.42
CA LEU B 107 20.88 25.38 -36.19
C LEU B 107 21.79 25.68 -35.00
N GLY B 108 21.25 25.50 -33.80
CA GLY B 108 22.02 25.73 -32.60
C GLY B 108 21.63 24.66 -31.60
N PHE B 109 22.07 24.82 -30.35
CA PHE B 109 21.73 23.87 -29.32
C PHE B 109 20.34 24.19 -28.80
N ALA B 110 19.61 23.18 -28.35
CA ALA B 110 18.26 23.38 -27.84
C ALA B 110 18.34 23.66 -26.33
N GLY B 111 19.36 23.09 -25.71
CA GLY B 111 19.57 23.26 -24.29
C GLY B 111 20.82 22.48 -23.91
N PHE B 112 21.01 22.23 -22.62
CA PHE B 112 22.19 21.50 -22.23
C PHE B 112 21.98 20.77 -20.91
N LYS B 113 22.86 19.81 -20.63
CA LYS B 113 22.78 19.07 -19.39
C LYS B 113 24.15 19.06 -18.72
N VAL B 114 24.14 18.93 -17.40
CA VAL B 114 25.38 18.92 -16.64
C VAL B 114 25.60 17.51 -16.12
N LEU B 115 26.84 17.03 -16.22
CA LEU B 115 27.17 15.69 -15.73
C LEU B 115 28.11 15.83 -14.56
N TYR B 116 27.99 14.93 -13.60
CA TYR B 116 28.84 14.92 -12.40
C TYR B 116 28.81 13.49 -11.85
N PRO B 117 29.90 13.06 -11.20
CA PRO B 117 29.92 11.69 -10.65
C PRO B 117 29.25 11.71 -9.27
N ILE B 118 27.95 12.00 -9.26
CA ILE B 118 27.16 12.10 -8.04
C ILE B 118 26.78 10.77 -7.37
N ASN B 119 26.80 9.68 -8.13
CA ASN B 119 26.45 8.38 -7.58
C ASN B 119 27.62 7.44 -7.35
N SER B 120 28.55 7.41 -8.29
CA SER B 120 29.73 6.55 -8.20
C SER B 120 30.93 7.37 -8.64
N LYS B 121 32.13 6.90 -8.30
CA LYS B 121 33.36 7.62 -8.63
C LYS B 121 33.81 7.72 -10.09
N ASP B 122 33.68 6.66 -10.86
CA ASP B 122 34.12 6.74 -12.24
C ASP B 122 32.99 6.60 -13.24
N LYS B 123 31.85 7.21 -12.90
CA LYS B 123 30.67 7.18 -13.77
C LYS B 123 29.97 8.53 -13.66
N ASN B 124 29.85 9.23 -14.78
CA ASN B 124 29.18 10.54 -14.79
C ASN B 124 27.68 10.39 -14.96
N ASP B 125 26.93 11.20 -14.23
CA ASP B 125 25.48 11.14 -14.32
C ASP B 125 24.91 12.54 -14.49
N GLU B 126 23.72 12.62 -15.07
CA GLU B 126 23.09 13.91 -15.25
C GLU B 126 22.68 14.44 -13.88
N ILE B 127 22.79 15.75 -13.68
CA ILE B 127 22.37 16.31 -12.41
C ILE B 127 21.51 17.51 -12.71
N VAL B 128 21.69 18.08 -13.90
CA VAL B 128 20.89 19.22 -14.33
C VAL B 128 20.54 19.12 -15.81
N SER B 129 19.31 19.47 -16.13
CA SER B 129 18.84 19.46 -17.52
C SER B 129 18.11 20.78 -17.78
N MSE B 130 18.73 21.65 -18.58
CA MSE B 130 18.15 22.95 -18.91
C MSE B 130 17.66 22.86 -20.34
O MSE B 130 18.45 22.94 -21.29
CB MSE B 130 19.21 24.05 -18.76
CG MSE B 130 18.74 25.29 -18.04
SE MSE B 130 19.97 25.85 -16.63
CE MSE B 130 18.70 26.66 -15.43
N LEU B 131 16.34 22.70 -20.48
CA LEU B 131 15.74 22.56 -21.81
C LEU B 131 14.27 23.01 -21.87
N GLY B 132 13.97 23.85 -22.85
CA GLY B 132 12.61 24.35 -23.02
C GLY B 132 12.31 25.57 -22.20
N ALA B 133 11.69 26.57 -22.83
CA ALA B 133 11.32 27.81 -22.15
C ALA B 133 12.40 28.14 -21.12
N SER B 134 11.99 28.35 -19.87
CA SER B 134 12.98 28.65 -18.83
C SER B 134 12.94 27.53 -17.81
N TYR B 135 12.64 26.32 -18.29
CA TYR B 135 12.54 25.14 -17.44
C TYR B 135 13.89 24.45 -17.23
N PHE B 136 13.97 23.68 -16.15
CA PHE B 136 15.17 22.90 -15.85
C PHE B 136 14.85 21.87 -14.77
N ARG B 137 15.44 20.69 -14.90
CA ARG B 137 15.21 19.61 -13.95
C ARG B 137 16.51 19.29 -13.24
N VAL B 138 16.42 18.99 -11.95
CA VAL B 138 17.61 18.73 -11.17
C VAL B 138 17.42 17.51 -10.28
N ILE B 139 18.51 16.79 -10.04
CA ILE B 139 18.46 15.63 -9.17
C ILE B 139 19.67 15.52 -8.27
N GLY B 140 19.46 14.88 -7.12
CA GLY B 140 20.53 14.65 -6.15
C GLY B 140 20.97 13.21 -6.29
N ALA B 141 21.81 12.73 -5.38
CA ALA B 141 22.29 11.36 -5.47
C ALA B 141 21.16 10.34 -5.31
N GLY B 142 21.22 9.27 -6.09
CA GLY B 142 20.22 8.21 -6.03
C GLY B 142 18.86 8.58 -6.61
N GLN B 143 18.72 9.80 -7.08
CA GLN B 143 17.46 10.24 -7.63
C GLN B 143 17.31 10.01 -9.12
N VAL B 144 16.06 10.10 -9.58
CA VAL B 144 15.74 9.97 -11.00
C VAL B 144 14.92 11.22 -11.26
N TYR B 145 15.04 11.79 -12.46
CA TYR B 145 14.31 13.00 -12.80
C TYR B 145 12.83 12.98 -12.45
N GLY B 146 12.37 14.11 -11.95
CA GLY B 146 10.97 14.25 -11.58
C GLY B 146 10.45 15.65 -11.88
N LEU B 147 10.05 16.38 -10.84
CA LEU B 147 9.51 17.71 -11.02
C LEU B 147 10.53 18.64 -11.66
N SER B 148 10.06 19.82 -12.10
CA SER B 148 10.93 20.80 -12.73
C SER B 148 10.82 22.13 -12.03
N ALA B 149 11.76 23.02 -12.34
CA ALA B 149 11.76 24.38 -11.82
C ALA B 149 11.81 25.27 -13.06
N ARG B 150 11.46 26.53 -12.90
CA ARG B 150 11.47 27.47 -14.03
C ARG B 150 12.12 28.76 -13.56
N GLY B 151 12.63 29.52 -14.51
CA GLY B 151 13.23 30.79 -14.17
C GLY B 151 12.14 31.78 -13.78
N LEU B 152 10.99 31.72 -14.46
CA LEU B 152 9.91 32.66 -14.17
C LEU B 152 8.57 32.23 -14.78
N ALA B 153 7.48 32.61 -14.12
CA ALA B 153 6.14 32.28 -14.62
C ALA B 153 5.32 33.56 -14.78
N ILE B 154 4.47 33.60 -15.81
CA ILE B 154 3.65 34.78 -16.07
C ILE B 154 2.22 34.49 -16.50
N ASP B 155 1.26 35.07 -15.78
CA ASP B 155 -0.16 34.90 -16.08
C ASP B 155 -0.62 33.44 -16.12
N THR B 156 -0.05 32.61 -15.25
CA THR B 156 -0.43 31.21 -15.21
C THR B 156 -1.87 31.01 -14.72
N ALA B 157 -2.67 30.28 -15.49
CA ALA B 157 -4.05 30.00 -15.13
C ALA B 157 -5.03 31.16 -15.38
N LEU B 158 -4.55 32.23 -15.99
CA LEU B 158 -5.40 33.38 -16.29
C LEU B 158 -6.11 33.11 -17.63
N PRO B 159 -7.37 33.54 -17.77
CA PRO B 159 -8.15 33.36 -18.99
C PRO B 159 -7.43 33.90 -20.22
N SER B 160 -6.78 35.05 -20.09
CA SER B 160 -6.07 35.63 -21.22
C SER B 160 -4.96 34.71 -21.75
N GLY B 161 -4.58 33.72 -20.95
CA GLY B 161 -3.55 32.79 -21.37
C GLY B 161 -2.20 33.01 -20.73
N GLU B 162 -1.51 31.92 -20.43
CA GLU B 162 -0.18 32.01 -19.81
C GLU B 162 0.90 32.38 -20.82
N GLU B 163 1.84 33.21 -20.36
CA GLU B 163 2.97 33.65 -21.17
C GLU B 163 4.20 32.89 -20.68
N PHE B 164 4.96 32.31 -21.61
CA PHE B 164 6.13 31.52 -21.25
C PHE B 164 7.49 32.18 -21.55
N PRO B 165 8.17 32.68 -20.51
CA PRO B 165 9.46 33.26 -20.85
C PRO B 165 10.42 32.15 -21.25
N ARG B 166 11.62 32.51 -21.67
CA ARG B 166 12.58 31.51 -22.07
C ARG B 166 14.01 31.98 -21.86
N PHE B 167 14.89 31.04 -21.53
CA PHE B 167 16.28 31.38 -21.36
C PHE B 167 16.80 31.36 -22.79
N LYS B 168 17.31 32.49 -23.27
CA LYS B 168 17.80 32.53 -24.64
C LYS B 168 19.31 32.40 -24.70
N GLU B 169 20.00 32.72 -23.61
CA GLU B 169 21.45 32.62 -23.61
C GLU B 169 22.02 32.18 -22.27
N PHE B 170 23.11 31.41 -22.34
CA PHE B 170 23.77 30.88 -21.16
C PHE B 170 25.26 31.18 -21.09
N TRP B 171 25.76 31.37 -19.87
CA TRP B 171 27.17 31.63 -19.62
C TRP B 171 27.55 30.70 -18.49
N ILE B 172 28.44 29.75 -18.77
CA ILE B 172 28.87 28.77 -17.79
C ILE B 172 30.35 28.95 -17.52
N GLU B 173 30.73 29.32 -16.30
CA GLU B 173 32.16 29.48 -16.08
C GLU B 173 32.90 28.20 -15.84
N ARG B 174 34.09 28.12 -16.44
CA ARG B 174 34.95 26.95 -16.33
C ARG B 174 35.31 26.71 -14.88
N PRO B 175 35.01 25.50 -14.39
CA PRO B 175 35.33 25.15 -13.00
C PRO B 175 36.80 24.85 -12.80
N LYS B 176 37.27 25.02 -11.58
CA LYS B 176 38.65 24.70 -11.23
C LYS B 176 38.66 23.20 -10.92
N PRO B 177 39.83 22.55 -11.00
CA PRO B 177 39.95 21.12 -10.73
C PRO B 177 39.28 20.68 -9.42
N THR B 178 39.42 21.48 -8.38
CA THR B 178 38.85 21.13 -7.09
C THR B 178 37.43 21.64 -6.81
N ASP B 179 36.85 22.36 -7.76
CA ASP B 179 35.50 22.87 -7.57
C ASP B 179 34.46 21.76 -7.45
N LYS B 180 33.54 21.91 -6.51
CA LYS B 180 32.48 20.93 -6.32
C LYS B 180 31.15 21.61 -6.64
N ARG B 181 31.24 22.83 -7.17
CA ARG B 181 30.08 23.64 -7.56
C ARG B 181 30.27 24.10 -9.00
N LEU B 182 29.17 24.43 -9.67
CA LEU B 182 29.25 24.92 -11.05
C LEU B 182 28.42 26.19 -11.19
N THR B 183 28.98 27.20 -11.83
CA THR B 183 28.29 28.47 -12.00
C THR B 183 27.69 28.65 -13.40
N ILE B 184 26.39 28.91 -13.43
CA ILE B 184 25.64 29.10 -14.67
C ILE B 184 24.89 30.43 -14.66
N TYR B 185 25.04 31.21 -15.72
CA TYR B 185 24.36 32.49 -15.85
C TYR B 185 23.36 32.35 -16.99
N ALA B 186 22.21 33.00 -16.86
CA ALA B 186 21.21 32.91 -17.91
C ALA B 186 20.47 34.21 -18.19
N LEU B 187 20.17 34.44 -19.47
CA LEU B 187 19.43 35.61 -19.89
C LEU B 187 18.02 35.14 -20.23
N LEU B 188 17.04 35.72 -19.55
CA LEU B 188 15.65 35.37 -19.75
C LEU B 188 14.95 36.49 -20.50
N ASP B 189 14.16 36.10 -21.50
CA ASP B 189 13.42 37.06 -22.30
C ASP B 189 12.01 36.53 -22.50
N SER B 190 11.05 37.44 -22.45
CA SER B 190 9.66 37.07 -22.59
C SER B 190 8.90 38.30 -23.09
N PRO B 191 7.76 38.10 -23.74
CA PRO B 191 6.97 39.23 -24.27
C PRO B 191 6.97 40.47 -23.37
N ARG B 192 6.58 40.30 -22.11
CA ARG B 192 6.53 41.45 -21.20
C ARG B 192 7.52 41.38 -20.04
N ALA B 193 8.61 40.65 -20.22
CA ALA B 193 9.60 40.55 -19.15
C ALA B 193 10.95 40.01 -19.57
N THR B 194 11.98 40.41 -18.84
CA THR B 194 13.35 39.96 -19.09
C THR B 194 13.98 39.72 -17.73
N GLY B 195 15.12 39.06 -17.73
CA GLY B 195 15.79 38.80 -16.46
C GLY B 195 17.18 38.25 -16.64
N ALA B 196 18.00 38.41 -15.61
CA ALA B 196 19.37 37.90 -15.59
C ALA B 196 19.45 36.99 -14.37
N TYR B 197 19.97 35.78 -14.56
CA TYR B 197 20.07 34.78 -13.49
C TYR B 197 21.48 34.25 -13.27
N LYS B 198 21.80 33.97 -12.00
CA LYS B 198 23.07 33.37 -11.64
C LYS B 198 22.75 32.14 -10.80
N PHE B 199 23.09 30.97 -11.33
CA PHE B 199 22.85 29.71 -10.63
C PHE B 199 24.19 29.15 -10.19
N VAL B 200 24.22 28.59 -9.00
CA VAL B 200 25.43 27.92 -8.51
C VAL B 200 24.91 26.54 -8.15
N VAL B 201 25.24 25.55 -8.99
CA VAL B 201 24.78 24.19 -8.75
C VAL B 201 25.74 23.42 -7.84
N MSE B 202 25.18 22.90 -6.74
CA MSE B 202 25.97 22.16 -5.77
C MSE B 202 25.44 20.73 -5.60
O MSE B 202 24.58 20.46 -4.76
CB MSE B 202 25.92 22.88 -4.42
CG MSE B 202 26.33 24.35 -4.51
SE MSE B 202 26.01 25.39 -2.90
CE MSE B 202 24.35 26.22 -3.42
N PRO B 203 25.95 19.79 -6.39
CA PRO B 203 25.51 18.39 -6.31
C PRO B 203 25.93 17.69 -5.03
N GLY B 204 25.13 16.72 -4.59
CA GLY B 204 25.42 15.97 -3.38
C GLY B 204 24.25 15.08 -3.04
N ARG B 205 24.16 14.61 -1.80
CA ARG B 205 23.04 13.77 -1.39
C ARG B 205 21.83 14.56 -1.90
N ASP B 206 21.80 15.83 -1.54
CA ASP B 206 20.78 16.73 -2.06
C ASP B 206 21.59 17.55 -3.06
N THR B 207 20.95 17.99 -4.14
CA THR B 207 21.63 18.84 -5.07
C THR B 207 20.96 20.18 -4.79
N VAL B 208 21.76 21.15 -4.39
CA VAL B 208 21.26 22.47 -4.07
C VAL B 208 21.64 23.47 -5.16
N VAL B 209 20.67 24.29 -5.56
CA VAL B 209 20.90 25.29 -6.59
C VAL B 209 20.66 26.67 -5.99
N ASP B 210 21.72 27.46 -5.88
CA ASP B 210 21.61 28.80 -5.34
C ASP B 210 21.16 29.69 -6.48
N VAL B 211 20.12 30.49 -6.26
CA VAL B 211 19.62 31.34 -7.31
C VAL B 211 19.55 32.83 -7.00
N GLN B 212 20.16 33.63 -7.87
CA GLN B 212 20.07 35.08 -7.71
C GLN B 212 19.45 35.54 -9.02
N SER B 213 18.44 36.38 -8.93
CA SER B 213 17.77 36.88 -10.13
C SER B 213 17.47 38.36 -10.04
N LYS B 214 17.45 39.00 -11.19
CA LYS B 214 17.13 40.42 -11.33
C LYS B 214 16.17 40.42 -12.51
N ILE B 215 14.88 40.60 -12.24
CA ILE B 215 13.92 40.59 -13.33
C ILE B 215 13.40 41.99 -13.63
N TYR B 216 13.05 42.20 -14.89
CA TYR B 216 12.56 43.50 -15.35
C TYR B 216 11.33 43.29 -16.21
N LEU B 217 10.27 44.02 -15.89
CA LEU B 217 9.04 43.93 -16.67
C LEU B 217 9.18 44.86 -17.87
N ARG B 218 8.91 44.35 -19.06
CA ARG B 218 8.99 45.18 -20.25
C ARG B 218 7.67 45.93 -20.32
N ASP B 219 6.66 45.39 -19.63
CA ASP B 219 5.33 45.97 -19.59
C ASP B 219 4.47 45.27 -18.53
N LYS B 220 3.33 45.87 -18.22
CA LYS B 220 2.42 45.33 -17.22
C LYS B 220 2.01 43.88 -17.49
N VAL B 221 1.96 43.08 -16.42
CA VAL B 221 1.52 41.68 -16.52
C VAL B 221 0.45 41.45 -15.47
N GLY B 222 -0.43 40.48 -15.71
CA GLY B 222 -1.46 40.21 -14.76
C GLY B 222 -0.94 39.55 -13.50
N LYS B 223 -0.02 38.61 -13.67
CA LYS B 223 0.52 37.87 -12.54
C LYS B 223 1.97 37.46 -12.78
N LEU B 224 2.77 37.50 -11.72
CA LEU B 224 4.17 37.12 -11.83
C LEU B 224 4.46 35.99 -10.83
N GLY B 225 5.04 34.90 -11.32
CA GLY B 225 5.35 33.78 -10.45
C GLY B 225 6.85 33.64 -10.25
N VAL B 226 7.31 33.78 -9.01
CA VAL B 226 8.73 33.67 -8.68
C VAL B 226 9.09 32.28 -8.14
N ALA B 227 10.29 31.81 -8.47
CA ALA B 227 10.78 30.50 -8.06
C ALA B 227 9.76 29.38 -8.32
N PRO B 228 9.13 29.39 -9.50
CA PRO B 228 8.14 28.35 -9.82
C PRO B 228 8.65 26.91 -9.84
N LEU B 229 7.75 25.99 -9.54
CA LEU B 229 8.05 24.56 -9.53
C LEU B 229 6.90 23.93 -10.28
N THR B 230 7.17 22.88 -11.02
CA THR B 230 6.11 22.22 -11.77
C THR B 230 6.28 20.73 -11.60
N SER B 231 5.19 20.06 -11.21
CA SER B 231 5.25 18.63 -11.00
C SER B 231 4.01 17.94 -11.56
N MSE B 232 3.79 16.69 -11.15
CA MSE B 232 2.66 15.93 -11.65
C MSE B 232 2.05 15.04 -10.57
O MSE B 232 2.76 14.45 -9.76
CB MSE B 232 3.15 15.09 -12.83
CG MSE B 232 2.12 14.14 -13.43
SE MSE B 232 2.04 12.43 -12.55
CE MSE B 232 0.40 11.88 -13.34
N PHE B 233 0.72 14.95 -10.59
CA PHE B 233 0.00 14.12 -9.63
C PHE B 233 -1.19 13.50 -10.37
N LEU B 234 -1.19 12.17 -10.50
CA LEU B 234 -2.25 11.48 -11.20
C LEU B 234 -3.28 10.96 -10.20
N PHE B 235 -2.83 10.09 -9.29
CA PHE B 235 -3.71 9.55 -8.27
C PHE B 235 -2.92 9.12 -7.03
N GLY B 236 -3.61 9.07 -5.90
CA GLY B 236 -2.98 8.68 -4.64
C GLY B 236 -4.06 8.29 -3.63
N PRO B 237 -3.72 7.91 -2.39
CA PRO B 237 -4.78 7.55 -1.45
C PRO B 237 -5.81 8.63 -1.14
N ASN B 238 -5.46 9.90 -1.33
CA ASN B 238 -6.42 10.99 -1.07
C ASN B 238 -7.46 11.03 -2.19
N GLN B 239 -7.15 10.39 -3.32
CA GLN B 239 -8.07 10.29 -4.43
C GLN B 239 -7.58 9.19 -5.35
N PRO B 240 -7.89 7.94 -4.97
CA PRO B 240 -7.50 6.73 -5.69
C PRO B 240 -7.93 6.68 -7.15
N SER B 241 -7.22 5.85 -7.90
CA SER B 241 -7.47 5.65 -9.32
C SER B 241 -8.80 4.95 -9.53
N PRO B 242 -9.65 5.48 -10.42
CA PRO B 242 -10.95 4.86 -10.70
C PRO B 242 -10.78 3.48 -11.34
N ALA B 243 -9.70 3.30 -12.09
CA ALA B 243 -9.43 2.02 -12.75
C ALA B 243 -8.41 1.19 -11.97
N ASN B 244 -8.55 -0.13 -12.06
CA ASN B 244 -7.62 -1.03 -11.36
C ASN B 244 -6.21 -0.94 -11.91
N ASN B 245 -5.32 -0.37 -11.11
CA ASN B 245 -3.93 -0.22 -11.48
C ASN B 245 -3.16 -0.99 -10.43
N TYR B 246 -2.07 -1.64 -10.80
CA TYR B 246 -1.29 -2.39 -9.83
C TYR B 246 -0.44 -1.41 -9.02
N ARG B 247 -0.43 -0.15 -9.45
CA ARG B 247 0.32 0.91 -8.77
C ARG B 247 -0.64 1.55 -7.77
N PRO B 248 -0.30 1.51 -6.48
CA PRO B 248 -1.24 2.13 -5.52
C PRO B 248 -1.31 3.65 -5.69
N GLU B 249 -0.20 4.27 -6.09
CA GLU B 249 -0.15 5.71 -6.28
C GLU B 249 0.73 5.99 -7.50
N LEU B 250 0.59 7.20 -8.07
CA LEU B 250 1.39 7.62 -9.23
C LEU B 250 1.48 9.15 -9.22
N HIS B 251 2.67 9.68 -8.96
CA HIS B 251 2.89 11.13 -8.90
C HIS B 251 4.34 11.48 -8.65
N ASP B 252 4.76 12.65 -9.11
CA ASP B 252 6.14 13.11 -8.90
C ASP B 252 6.22 13.89 -7.59
N SER B 253 5.06 14.31 -7.10
CA SER B 253 4.91 15.05 -5.86
C SER B 253 3.52 14.75 -5.33
N ASN B 254 3.33 14.83 -4.01
CA ASN B 254 2.00 14.59 -3.48
C ASN B 254 1.53 15.71 -2.54
N GLY B 255 2.29 16.79 -2.46
CA GLY B 255 1.88 17.88 -1.61
C GLY B 255 2.66 19.18 -1.67
N LEU B 256 1.99 20.27 -1.29
CA LEU B 256 2.62 21.59 -1.25
C LEU B 256 2.92 21.89 0.20
N SER B 257 4.20 22.10 0.51
CA SER B 257 4.61 22.42 1.88
C SER B 257 5.01 23.87 1.96
N ILE B 258 4.59 24.54 3.04
CA ILE B 258 4.90 25.94 3.23
C ILE B 258 5.29 26.25 4.66
N HIS B 259 6.32 27.07 4.80
CA HIS B 259 6.73 27.52 6.12
C HIS B 259 6.37 29.00 5.97
N ALA B 260 5.25 29.37 6.57
CA ALA B 260 4.72 30.73 6.50
C ALA B 260 5.56 31.80 7.19
N GLY B 261 5.29 33.05 6.81
CA GLY B 261 5.99 34.17 7.41
C GLY B 261 5.85 34.19 8.92
N ASN B 262 4.70 33.75 9.42
CA ASN B 262 4.47 33.73 10.86
C ASN B 262 4.99 32.47 11.55
N GLY B 263 5.69 31.62 10.82
CA GLY B 263 6.25 30.42 11.41
C GLY B 263 5.36 29.19 11.36
N GLU B 264 4.12 29.34 10.90
CA GLU B 264 3.21 28.21 10.79
C GLU B 264 3.64 27.31 9.64
N TRP B 265 3.51 26.00 9.82
CA TRP B 265 3.84 25.04 8.77
C TRP B 265 2.53 24.61 8.14
N ILE B 266 2.48 24.60 6.83
CA ILE B 266 1.27 24.22 6.12
C ILE B 266 1.54 23.11 5.10
N TRP B 267 0.65 22.12 5.07
CA TRP B 267 0.74 21.01 4.13
C TRP B 267 -0.57 20.92 3.37
N ARG B 268 -0.47 21.02 2.04
CA ARG B 268 -1.61 20.97 1.17
C ARG B 268 -1.47 19.78 0.20
N PRO B 269 -2.18 18.68 0.50
CA PRO B 269 -2.11 17.49 -0.36
C PRO B 269 -2.56 17.89 -1.77
N LEU B 270 -1.93 17.32 -2.79
CA LEU B 270 -2.30 17.65 -4.15
C LEU B 270 -3.53 16.89 -4.66
N ASN B 271 -4.21 17.47 -5.63
CA ASN B 271 -5.39 16.84 -6.23
C ASN B 271 -5.25 16.87 -7.73
N ASN B 272 -5.91 15.93 -8.39
CA ASN B 272 -5.96 15.88 -9.85
C ASN B 272 -7.45 16.22 -10.03
N PRO B 273 -7.79 17.51 -9.90
CA PRO B 273 -9.16 18.03 -10.01
C PRO B 273 -9.86 17.82 -11.35
N LYS B 274 -11.18 17.86 -11.33
CA LYS B 274 -11.96 17.71 -12.55
C LYS B 274 -11.88 19.00 -13.34
N HIS B 275 -11.57 20.09 -12.66
CA HIS B 275 -11.46 21.40 -13.31
C HIS B 275 -10.31 22.21 -12.78
N LEU B 276 -9.77 23.08 -13.64
CA LEU B 276 -8.68 23.93 -13.25
C LEU B 276 -8.94 24.46 -11.85
N ALA B 277 -7.91 24.46 -11.00
CA ALA B 277 -8.07 24.93 -9.64
C ALA B 277 -6.87 25.77 -9.18
N VAL B 278 -7.15 26.95 -8.66
CA VAL B 278 -6.09 27.84 -8.18
C VAL B 278 -6.28 28.11 -6.71
N SER B 279 -5.23 27.89 -5.93
CA SER B 279 -5.28 28.10 -4.50
C SER B 279 -4.22 29.12 -4.08
N SER B 280 -4.58 30.00 -3.15
CA SER B 280 -3.67 31.04 -2.70
C SER B 280 -3.49 31.08 -1.20
N PHE B 281 -2.23 31.13 -0.77
CA PHE B 281 -1.91 31.22 0.64
C PHE B 281 -1.17 32.53 0.75
N SER B 282 -1.92 33.60 1.00
CA SER B 282 -1.34 34.92 1.10
C SER B 282 -0.66 35.09 2.44
N MSE B 283 0.50 35.72 2.41
CA MSE B 283 1.29 35.94 3.61
C MSE B 283 2.33 37.01 3.34
O MSE B 283 2.30 37.67 2.29
CB MSE B 283 1.96 34.63 4.02
CG MSE B 283 2.82 34.03 2.91
SE MSE B 283 3.54 32.26 3.34
CE MSE B 283 2.01 31.19 2.84
N GLU B 284 3.24 37.18 4.28
CA GLU B 284 4.30 38.16 4.14
C GLU B 284 5.61 37.57 4.62
N ASN B 285 6.64 37.68 3.79
CA ASN B 285 7.96 37.15 4.11
C ASN B 285 7.97 35.66 4.35
N PRO B 286 7.52 34.88 3.35
CA PRO B 286 7.50 33.42 3.50
C PRO B 286 8.91 32.90 3.78
N GLN B 287 9.00 31.84 4.58
CA GLN B 287 10.29 31.28 4.91
C GLN B 287 10.65 30.12 3.98
N GLY B 288 9.64 29.59 3.29
CA GLY B 288 9.90 28.52 2.36
C GLY B 288 8.67 27.76 1.85
N PHE B 289 8.79 27.17 0.68
CA PHE B 289 7.70 26.37 0.13
C PHE B 289 8.27 25.38 -0.86
N GLY B 290 7.58 24.26 -1.04
CA GLY B 290 8.07 23.28 -1.99
C GLY B 290 7.04 22.22 -2.33
N LEU B 291 7.27 21.55 -3.44
CA LEU B 291 6.39 20.46 -3.86
C LEU B 291 7.18 19.27 -3.38
N LEU B 292 6.60 18.56 -2.41
CA LEU B 292 7.26 17.40 -1.81
C LEU B 292 6.70 16.06 -2.21
N GLN B 293 7.54 15.03 -2.09
CA GLN B 293 7.16 13.66 -2.42
C GLN B 293 7.32 12.91 -1.11
N ARG B 294 6.30 12.96 -0.25
CA ARG B 294 6.38 12.27 1.04
C ARG B 294 5.90 10.83 0.94
N GLY B 295 6.68 9.91 1.50
CA GLY B 295 6.34 8.50 1.45
C GLY B 295 7.12 7.90 0.29
N ARG B 296 8.31 7.38 0.59
CA ARG B 296 9.17 6.82 -0.44
C ARG B 296 9.36 5.29 -0.46
N ASP B 297 8.50 4.57 0.24
CA ASP B 297 8.65 3.12 0.22
C ASP B 297 8.14 2.71 -1.15
N PHE B 298 8.90 1.87 -1.83
CA PHE B 298 8.55 1.41 -3.16
C PHE B 298 7.14 0.82 -3.27
N SER B 299 6.65 0.21 -2.20
CA SER B 299 5.31 -0.40 -2.21
C SER B 299 4.18 0.61 -2.47
N ARG B 300 4.46 1.91 -2.37
CA ARG B 300 3.43 2.93 -2.66
C ARG B 300 3.23 3.06 -4.17
N PHE B 301 4.26 2.71 -4.92
CA PHE B 301 4.24 2.84 -6.38
C PHE B 301 4.39 1.53 -7.12
N GLU B 302 5.41 0.76 -6.75
CA GLU B 302 5.67 -0.54 -7.36
C GLU B 302 5.99 -0.56 -8.85
N ASP B 303 6.29 0.61 -9.41
CA ASP B 303 6.62 0.75 -10.82
C ASP B 303 8.15 0.71 -10.97
N LEU B 304 8.65 -0.43 -11.44
CA LEU B 304 10.08 -0.65 -11.62
C LEU B 304 10.74 0.17 -12.72
N ASP B 305 9.94 0.71 -13.64
CA ASP B 305 10.49 1.50 -14.74
C ASP B 305 10.66 2.98 -14.44
N ASP B 306 9.63 3.60 -13.89
CA ASP B 306 9.68 5.03 -13.62
C ASP B 306 10.22 5.42 -12.24
N ARG B 307 10.18 4.48 -11.30
CA ARG B 307 10.69 4.73 -9.95
C ARG B 307 10.29 6.08 -9.36
N TYR B 308 8.98 6.29 -9.18
CA TYR B 308 8.50 7.53 -8.59
C TYR B 308 9.05 7.72 -7.19
N ASP B 309 9.33 6.60 -6.52
CA ASP B 309 9.86 6.62 -5.16
C ASP B 309 11.24 7.24 -5.07
N LEU B 310 11.87 7.45 -6.21
CA LEU B 310 13.21 8.03 -6.24
C LEU B 310 13.21 9.48 -6.72
N ARG B 311 12.05 9.96 -7.15
CA ARG B 311 11.93 11.32 -7.65
C ARG B 311 12.01 12.34 -6.51
N PRO B 312 12.70 13.45 -6.76
CA PRO B 312 12.89 14.52 -5.77
C PRO B 312 11.77 15.45 -5.35
N SER B 313 11.92 15.92 -4.12
CA SER B 313 11.05 16.93 -3.54
C SER B 313 11.89 18.17 -3.88
N ALA B 314 11.25 19.31 -4.03
CA ALA B 314 12.00 20.54 -4.31
C ALA B 314 11.55 21.57 -3.31
N TRP B 315 12.52 22.17 -2.62
CA TRP B 315 12.22 23.15 -1.62
C TRP B 315 12.90 24.48 -1.91
N VAL B 316 12.08 25.52 -1.94
CA VAL B 316 12.55 26.87 -2.21
C VAL B 316 12.73 27.64 -0.90
N THR B 317 13.94 28.15 -0.68
CA THR B 317 14.22 28.92 0.54
C THR B 317 14.58 30.35 0.17
N PRO B 318 13.63 31.28 0.36
CA PRO B 318 13.91 32.68 0.02
C PRO B 318 15.09 33.21 0.84
N LYS B 319 15.94 34.02 0.21
CA LYS B 319 17.08 34.62 0.92
C LYS B 319 16.65 36.04 1.18
N GLY B 320 16.16 36.33 2.38
CA GLY B 320 15.73 37.68 2.70
C GLY B 320 14.22 37.78 2.86
N GLU B 321 13.71 39.00 2.80
CA GLU B 321 12.28 39.24 2.95
C GLU B 321 11.63 39.53 1.62
N TRP B 322 10.71 38.68 1.20
CA TRP B 322 10.03 38.86 -0.08
C TRP B 322 8.75 39.70 0.03
N GLY B 323 8.45 40.16 1.23
CA GLY B 323 7.28 41.00 1.44
C GLY B 323 5.93 40.33 1.30
N LYS B 324 4.95 41.11 0.85
CA LYS B 324 3.58 40.66 0.69
C LYS B 324 3.26 39.98 -0.62
N GLY B 325 2.71 38.76 -0.51
CA GLY B 325 2.33 38.00 -1.68
C GLY B 325 1.65 36.74 -1.21
N SER B 326 1.68 35.70 -2.03
CA SER B 326 1.08 34.44 -1.63
C SER B 326 1.70 33.27 -2.36
N VAL B 327 1.75 32.12 -1.71
CA VAL B 327 2.29 30.94 -2.37
C VAL B 327 1.07 30.42 -3.11
N GLU B 328 1.16 30.39 -4.44
CA GLU B 328 0.03 29.94 -5.25
C GLU B 328 0.21 28.52 -5.77
N LEU B 329 -0.89 27.80 -5.84
CA LEU B 329 -0.88 26.41 -6.31
C LEU B 329 -1.90 26.22 -7.42
N VAL B 330 -1.44 25.75 -8.57
CA VAL B 330 -2.31 25.54 -9.72
C VAL B 330 -2.42 24.05 -10.04
N GLU B 331 -3.63 23.51 -9.95
CA GLU B 331 -3.85 22.09 -10.25
C GLU B 331 -4.71 21.96 -11.49
N ILE B 332 -4.18 21.28 -12.49
CA ILE B 332 -4.83 21.08 -13.79
C ILE B 332 -5.26 19.63 -13.94
N PRO B 333 -6.48 19.40 -14.46
CA PRO B 333 -6.92 18.01 -14.63
C PRO B 333 -6.13 17.29 -15.71
N THR B 334 -5.84 16.01 -15.49
CA THR B 334 -5.12 15.21 -16.46
C THR B 334 -5.57 13.76 -16.35
N ASN B 335 -5.46 13.03 -17.45
CA ASN B 335 -5.84 11.63 -17.48
C ASN B 335 -4.60 10.75 -17.58
N ASP B 336 -3.48 11.36 -17.94
CA ASP B 336 -2.20 10.65 -18.09
C ASP B 336 -1.15 11.22 -17.16
N GLU B 337 -0.02 10.52 -17.10
CA GLU B 337 1.09 10.96 -16.27
C GLU B 337 2.14 11.62 -17.15
N THR B 338 1.82 11.76 -18.43
CA THR B 338 2.73 12.36 -19.39
C THR B 338 2.73 13.88 -19.43
N ASN B 339 1.77 14.50 -18.76
CA ASN B 339 1.70 15.97 -18.73
C ASN B 339 1.79 16.46 -17.30
N ASP B 340 2.64 17.44 -17.04
CA ASP B 340 2.71 17.98 -15.68
C ASP B 340 1.41 18.73 -15.47
N ASN B 341 0.77 18.52 -14.33
CA ASN B 341 -0.49 19.20 -14.05
C ASN B 341 -0.48 19.96 -12.74
N ILE B 342 0.72 20.19 -12.20
CA ILE B 342 0.87 20.91 -10.94
C ILE B 342 1.89 22.04 -11.05
N VAL B 343 1.50 23.23 -10.58
CA VAL B 343 2.39 24.39 -10.60
C VAL B 343 2.31 25.15 -9.29
N ALA B 344 3.47 25.51 -8.75
CA ALA B 344 3.53 26.28 -7.51
C ALA B 344 4.56 27.39 -7.67
N TYR B 345 4.34 28.51 -7.00
CA TYR B 345 5.27 29.65 -7.06
C TYR B 345 4.85 30.75 -6.13
N TRP B 346 5.75 31.72 -5.95
CA TRP B 346 5.48 32.87 -5.11
C TRP B 346 5.03 33.98 -6.04
N THR B 347 3.91 34.61 -5.72
CA THR B 347 3.39 35.69 -6.55
C THR B 347 3.15 36.93 -5.70
N PRO B 348 3.95 37.99 -5.94
CA PRO B 348 3.83 39.24 -5.19
C PRO B 348 2.43 39.84 -5.35
N ASP B 349 1.97 40.54 -4.32
CA ASP B 349 0.66 41.20 -4.37
C ASP B 349 0.71 42.32 -5.39
N GLN B 350 1.75 43.14 -5.33
CA GLN B 350 1.91 44.26 -6.25
C GLN B 350 3.25 44.29 -6.94
N LEU B 351 3.21 44.52 -8.25
CA LEU B 351 4.43 44.59 -9.05
C LEU B 351 4.82 46.04 -9.32
N PRO B 352 6.12 46.31 -9.39
CA PRO B 352 6.58 47.68 -9.65
C PRO B 352 6.35 48.05 -11.11
N GLU B 353 6.63 49.29 -11.46
CA GLU B 353 6.45 49.77 -12.83
C GLU B 353 7.49 49.15 -13.76
N PRO B 354 7.19 49.09 -15.07
CA PRO B 354 8.11 48.51 -16.05
C PRO B 354 9.50 49.15 -15.98
N GLY B 355 10.53 48.35 -16.27
CA GLY B 355 11.88 48.87 -16.23
C GLY B 355 12.51 48.86 -14.85
N LYS B 356 11.69 48.90 -13.81
CA LYS B 356 12.21 48.90 -12.45
C LYS B 356 12.70 47.48 -12.10
N GLU B 357 13.86 47.41 -11.46
CA GLU B 357 14.48 46.13 -11.11
C GLU B 357 14.03 45.38 -9.86
N MSE B 358 13.75 44.10 -10.04
CA MSE B 358 13.33 43.23 -8.94
C MSE B 358 14.44 42.24 -8.61
O MSE B 358 14.99 41.59 -9.50
CB MSE B 358 12.05 42.47 -9.30
CG MSE B 358 10.86 43.38 -9.51
SE MSE B 358 9.28 42.39 -9.95
CE MSE B 358 9.34 42.50 -11.87
N ASN B 359 14.75 42.11 -7.32
CA ASN B 359 15.81 41.22 -6.89
C ASN B 359 15.30 40.05 -6.06
N PHE B 360 15.38 38.85 -6.62
CA PHE B 360 14.94 37.66 -5.91
C PHE B 360 16.10 36.68 -5.76
N LYS B 361 16.43 36.34 -4.53
CA LYS B 361 17.50 35.40 -4.25
C LYS B 361 16.91 34.25 -3.44
N TYR B 362 17.31 33.04 -3.77
CA TYR B 362 16.82 31.87 -3.06
C TYR B 362 17.57 30.61 -3.47
N THR B 363 17.40 29.56 -2.69
CA THR B 363 18.03 28.28 -3.02
C THR B 363 16.91 27.27 -3.24
N ILE B 364 17.17 26.29 -4.10
CA ILE B 364 16.22 25.23 -4.36
C ILE B 364 16.94 23.94 -3.99
N THR B 365 16.37 23.19 -3.06
CA THR B 365 16.95 21.92 -2.63
C THR B 365 16.20 20.74 -3.20
N PHE B 366 16.88 19.91 -4.00
CA PHE B 366 16.28 18.72 -4.59
C PHE B 366 16.73 17.55 -3.73
N SER B 367 15.79 17.10 -2.90
CA SER B 367 16.07 16.06 -1.92
C SER B 367 15.08 14.91 -1.84
N ARG B 368 15.50 13.85 -1.16
CA ARG B 368 14.67 12.67 -0.92
C ARG B 368 14.54 12.51 0.60
N ASP B 369 14.98 13.52 1.34
CA ASP B 369 14.92 13.50 2.80
C ASP B 369 13.87 14.51 3.26
N GLU B 370 12.60 14.17 3.04
CA GLU B 370 11.50 15.05 3.41
C GLU B 370 11.48 15.49 4.86
N ASP B 371 11.94 14.63 5.77
CA ASP B 371 11.97 14.99 7.18
C ASP B 371 12.95 16.13 7.44
N LYS B 372 14.03 16.18 6.66
CA LYS B 372 15.02 17.23 6.83
C LYS B 372 14.54 18.56 6.23
N LEU B 373 13.52 18.49 5.38
CA LEU B 373 12.97 19.71 4.79
C LEU B 373 11.85 20.24 5.70
N HIS B 374 11.84 19.81 6.94
CA HIS B 374 10.81 20.21 7.89
C HIS B 374 11.41 20.35 9.29
N ALA B 375 10.80 21.19 10.12
CA ALA B 375 11.29 21.40 11.48
C ALA B 375 11.20 20.10 12.27
N PRO B 376 12.27 19.74 13.00
CA PRO B 376 12.30 18.50 13.79
C PRO B 376 11.25 18.39 14.88
N ASP B 377 10.81 19.51 15.42
CA ASP B 377 9.81 19.49 16.49
C ASP B 377 8.39 19.78 16.02
N ASN B 378 8.15 19.72 14.72
CA ASN B 378 6.82 19.95 14.19
C ASN B 378 6.45 18.72 13.37
N ALA B 379 5.44 17.98 13.85
CA ALA B 379 4.99 16.77 13.18
C ALA B 379 4.41 17.11 11.82
N TRP B 380 4.53 16.16 10.88
CA TRP B 380 4.03 16.37 9.53
C TRP B 380 3.11 15.22 9.12
N VAL B 381 2.35 15.45 8.06
CA VAL B 381 1.44 14.44 7.54
C VAL B 381 2.18 13.47 6.63
N GLN B 382 2.23 12.22 7.04
CA GLN B 382 2.91 11.21 6.26
C GLN B 382 2.03 10.71 5.13
N GLN B 383 0.72 10.77 5.31
CA GLN B 383 -0.21 10.34 4.28
C GLN B 383 -1.65 10.75 4.58
N THR B 384 -2.44 10.92 3.52
CA THR B 384 -3.85 11.28 3.66
C THR B 384 -4.64 10.22 2.89
N ARG B 385 -5.54 9.54 3.58
CA ARG B 385 -6.34 8.50 2.94
C ARG B 385 -7.82 8.82 2.94
N ARG B 386 -8.41 8.86 1.75
CA ARG B 386 -9.83 9.14 1.63
C ARG B 386 -10.62 7.85 1.86
N SER B 387 -11.80 7.98 2.45
CA SER B 387 -12.62 6.82 2.72
C SER B 387 -14.09 7.12 2.42
N THR B 388 -14.89 6.06 2.36
CA THR B 388 -16.31 6.17 2.05
C THR B 388 -17.09 7.13 2.96
N GLY B 389 -17.58 6.63 4.09
CA GLY B 389 -18.32 7.49 4.99
C GLY B 389 -17.96 7.16 6.42
N ASP B 390 -18.52 6.07 6.93
CA ASP B 390 -18.23 5.62 8.29
C ASP B 390 -16.97 4.78 8.12
N VAL B 391 -15.82 5.28 8.56
CA VAL B 391 -14.57 4.55 8.40
C VAL B 391 -14.60 3.17 9.01
N LYS B 392 -15.45 2.95 10.01
CA LYS B 392 -15.55 1.66 10.66
C LYS B 392 -16.25 0.63 9.77
N GLN B 393 -17.01 1.12 8.79
CA GLN B 393 -17.75 0.24 7.88
C GLN B 393 -16.94 -0.15 6.66
N SER B 394 -17.17 -1.35 6.14
CA SER B 394 -16.46 -1.83 4.97
C SER B 394 -17.34 -2.60 3.99
N ASN B 395 -18.65 -2.65 4.25
CA ASN B 395 -19.58 -3.36 3.37
C ASN B 395 -19.28 -2.99 1.91
N LEU B 396 -19.19 -4.00 1.04
CA LEU B 396 -18.88 -3.77 -0.36
C LEU B 396 -19.96 -3.20 -1.26
N ILE B 397 -21.23 -3.41 -0.92
CA ILE B 397 -22.33 -2.87 -1.73
C ILE B 397 -22.78 -1.51 -1.18
N ARG B 398 -22.29 -1.20 0.02
CA ARG B 398 -22.59 0.05 0.69
C ARG B 398 -22.50 1.26 -0.26
N GLN B 399 -23.36 2.24 -0.03
CA GLN B 399 -23.38 3.43 -0.88
C GLN B 399 -22.96 4.67 -0.12
N PRO B 400 -22.42 5.67 -0.86
CA PRO B 400 -22.00 6.92 -0.22
C PRO B 400 -23.20 7.54 0.48
N ASP B 401 -23.03 7.87 1.76
CA ASP B 401 -24.08 8.47 2.58
C ASP B 401 -24.11 9.99 2.51
N GLY B 402 -23.24 10.57 1.69
CA GLY B 402 -23.20 12.02 1.60
C GLY B 402 -22.04 12.61 2.36
N THR B 403 -21.32 11.77 3.11
CA THR B 403 -20.17 12.22 3.88
C THR B 403 -18.90 11.57 3.34
N ILE B 404 -17.77 12.25 3.54
CA ILE B 404 -16.48 11.72 3.09
C ILE B 404 -15.54 11.79 4.29
N ALA B 405 -14.73 10.76 4.47
CA ALA B 405 -13.79 10.72 5.58
C ALA B 405 -12.34 10.87 5.11
N PHE B 406 -11.47 11.26 6.03
CA PHE B 406 -10.04 11.41 5.74
C PHE B 406 -9.23 10.84 6.88
N VAL B 407 -8.38 9.87 6.59
CA VAL B 407 -7.53 9.32 7.61
C VAL B 407 -6.19 10.02 7.40
N VAL B 408 -5.80 10.84 8.36
CA VAL B 408 -4.57 11.60 8.24
C VAL B 408 -3.58 11.20 9.30
N ASP B 409 -2.47 10.62 8.86
CA ASP B 409 -1.43 10.17 9.79
C ASP B 409 -0.30 11.18 9.94
N PHE B 410 -0.01 11.56 11.18
CA PHE B 410 1.08 12.49 11.50
C PHE B 410 2.21 11.74 12.18
N THR B 411 3.43 12.18 11.94
CA THR B 411 4.58 11.55 12.55
C THR B 411 5.71 12.57 12.56
N GLY B 412 6.75 12.31 13.34
CA GLY B 412 7.87 13.23 13.44
C GLY B 412 8.91 12.75 14.42
N ALA B 413 10.11 13.32 14.35
CA ALA B 413 11.20 12.92 15.21
C ALA B 413 10.83 13.04 16.68
N GLU B 414 10.18 14.15 17.04
CA GLU B 414 9.77 14.36 18.41
C GLU B 414 8.47 13.66 18.75
N MSE B 415 7.55 13.61 17.78
CA MSE B 415 6.29 12.96 18.04
C MSE B 415 6.50 11.46 18.30
O MSE B 415 5.76 10.85 19.07
CB MSE B 415 5.32 13.16 16.87
CG MSE B 415 3.98 12.51 17.09
SE MSE B 415 2.71 12.94 15.72
CE MSE B 415 1.94 14.53 16.54
N LYS B 416 7.51 10.88 17.67
CA LYS B 416 7.79 9.46 17.85
C LYS B 416 8.29 9.13 19.26
N LYS B 417 8.63 10.15 20.05
CA LYS B 417 9.11 9.93 21.41
C LYS B 417 8.04 10.20 22.45
N LEU B 418 6.92 10.77 22.01
CA LEU B 418 5.84 11.09 22.93
C LEU B 418 5.18 9.81 23.43
N PRO B 419 4.84 9.76 24.72
CA PRO B 419 4.21 8.54 25.24
C PRO B 419 2.80 8.34 24.69
N GLU B 420 2.36 7.08 24.65
CA GLU B 420 1.04 6.69 24.15
C GLU B 420 -0.14 7.52 24.66
N ASP B 421 -0.10 7.88 25.94
CA ASP B 421 -1.19 8.61 26.57
C ASP B 421 -1.09 10.12 26.56
N THR B 422 -0.25 10.66 25.69
CA THR B 422 -0.14 12.11 25.60
C THR B 422 -1.51 12.62 25.17
N PRO B 423 -2.08 13.58 25.90
CA PRO B 423 -3.39 14.15 25.58
C PRO B 423 -3.40 14.99 24.30
N VAL B 424 -3.13 14.34 23.17
CA VAL B 424 -3.10 14.99 21.87
C VAL B 424 -4.52 15.11 21.29
N THR B 425 -4.87 16.31 20.85
CA THR B 425 -6.18 16.54 20.25
C THR B 425 -5.99 17.30 18.95
N ALA B 426 -7.06 17.48 18.19
CA ALA B 426 -6.96 18.18 16.92
C ALA B 426 -7.81 19.45 16.82
N GLN B 427 -7.18 20.53 16.34
CA GLN B 427 -7.88 21.80 16.11
C GLN B 427 -8.32 21.67 14.67
N THR B 428 -9.62 21.70 14.42
CA THR B 428 -10.14 21.55 13.06
C THR B 428 -11.11 22.65 12.69
N SER B 429 -11.14 23.01 11.41
CA SER B 429 -12.05 24.01 10.91
C SER B 429 -12.42 23.67 9.47
N ILE B 430 -13.57 24.18 9.02
CA ILE B 430 -14.03 23.91 7.67
C ILE B 430 -14.78 25.12 7.13
N GLY B 431 -14.74 25.32 5.82
CA GLY B 431 -15.44 26.43 5.21
C GLY B 431 -16.94 26.28 5.29
N ASP B 432 -17.65 27.39 5.06
CA ASP B 432 -19.12 27.41 5.12
C ASP B 432 -19.81 26.42 4.20
N ASN B 433 -19.11 25.92 3.18
CA ASN B 433 -19.74 24.96 2.29
C ASN B 433 -19.60 23.54 2.83
N GLY B 434 -19.06 23.42 4.04
CA GLY B 434 -18.88 22.11 4.63
C GLY B 434 -19.24 22.03 6.09
N GLU B 435 -19.34 20.81 6.59
CA GLU B 435 -19.69 20.56 7.97
C GLU B 435 -18.89 19.38 8.49
N ILE B 436 -18.20 19.55 9.60
CA ILE B 436 -17.42 18.46 10.15
C ILE B 436 -18.38 17.61 10.96
N VAL B 437 -18.57 16.38 10.52
CA VAL B 437 -19.47 15.44 11.18
C VAL B 437 -18.81 14.87 12.44
N GLU B 438 -17.57 14.43 12.31
CA GLU B 438 -16.82 13.92 13.45
C GLU B 438 -15.33 14.11 13.24
N SER B 439 -14.61 14.24 14.34
CA SER B 439 -13.17 14.45 14.33
C SER B 439 -12.54 13.75 15.53
N THR B 440 -11.86 12.63 15.28
CA THR B 440 -11.23 11.90 16.37
C THR B 440 -9.75 11.66 16.14
N VAL B 441 -9.00 11.67 17.23
CA VAL B 441 -7.57 11.47 17.20
C VAL B 441 -7.22 10.26 18.07
N ARG B 442 -6.39 9.38 17.52
CA ARG B 442 -5.96 8.18 18.25
C ARG B 442 -4.50 7.89 17.96
N TYR B 443 -3.81 7.31 18.93
CA TYR B 443 -2.40 6.96 18.77
C TYR B 443 -2.26 5.80 17.81
N ASN B 444 -1.18 5.80 17.03
CA ASN B 444 -0.90 4.74 16.09
C ASN B 444 0.33 4.01 16.62
N PRO B 445 0.13 2.86 17.27
CA PRO B 445 1.29 2.13 17.82
C PRO B 445 2.30 1.68 16.78
N VAL B 446 1.87 1.46 15.54
CA VAL B 446 2.77 1.00 14.50
C VAL B 446 3.73 2.07 14.01
N THR B 447 3.25 3.31 13.89
CA THR B 447 4.09 4.41 13.42
C THR B 447 4.58 5.28 14.56
N LYS B 448 4.04 5.08 15.75
CA LYS B 448 4.43 5.87 16.92
C LYS B 448 4.07 7.34 16.71
N GLY B 449 3.02 7.56 15.93
CA GLY B 449 2.53 8.90 15.66
C GLY B 449 1.05 8.90 15.98
N TRP B 450 0.34 9.94 15.56
CA TRP B 450 -1.08 10.02 15.84
C TRP B 450 -1.91 10.06 14.57
N ARG B 451 -3.08 9.45 14.63
CA ARG B 451 -3.97 9.40 13.49
C ARG B 451 -5.23 10.21 13.71
N LEU B 452 -5.56 11.01 12.71
CA LEU B 452 -6.75 11.84 12.75
C LEU B 452 -7.73 11.30 11.72
N VAL B 453 -8.99 11.20 12.13
CA VAL B 453 -10.05 10.75 11.25
C VAL B 453 -11.06 11.88 11.18
N MSE B 454 -11.20 12.48 10.01
CA MSE B 454 -12.15 13.56 9.88
C MSE B 454 -13.25 13.18 8.90
O MSE B 454 -12.98 12.73 7.79
CB MSE B 454 -11.44 14.83 9.42
CG MSE B 454 -12.23 16.09 9.71
SE MSE B 454 -11.25 17.67 9.25
CE MSE B 454 -12.25 18.21 7.71
N ARG B 455 -14.49 13.34 9.34
CA ARG B 455 -15.63 13.00 8.51
C ARG B 455 -16.43 14.27 8.27
N VAL B 456 -16.62 14.61 7.01
CA VAL B 456 -17.35 15.82 6.67
C VAL B 456 -18.42 15.58 5.63
N LYS B 457 -19.23 16.60 5.40
CA LYS B 457 -20.27 16.55 4.39
C LYS B 457 -20.29 17.90 3.71
N VAL B 458 -20.43 17.89 2.38
CA VAL B 458 -20.44 19.12 1.60
C VAL B 458 -21.86 19.61 1.34
N LYS B 459 -22.12 20.88 1.64
CA LYS B 459 -23.43 21.48 1.42
C LYS B 459 -23.74 21.43 -0.07
N ASP B 460 -22.97 22.19 -0.85
CA ASP B 460 -23.14 22.29 -2.30
C ASP B 460 -21.93 21.75 -3.04
N ALA B 461 -22.09 20.61 -3.71
CA ALA B 461 -20.99 20.00 -4.44
C ALA B 461 -20.41 20.88 -5.54
N LYS B 462 -21.19 21.86 -6.02
CA LYS B 462 -20.72 22.74 -7.08
C LYS B 462 -19.76 23.80 -6.53
N LYS B 463 -19.56 23.81 -5.23
CA LYS B 463 -18.67 24.77 -4.60
C LYS B 463 -17.45 24.12 -3.96
N THR B 464 -16.41 24.93 -3.75
CA THR B 464 -15.17 24.48 -3.15
C THR B 464 -15.37 24.32 -1.65
N THR B 465 -14.70 23.33 -1.06
CA THR B 465 -14.81 23.12 0.38
C THR B 465 -13.41 23.00 1.00
N GLU B 466 -13.06 23.97 1.81
CA GLU B 466 -11.75 24.00 2.46
C GLU B 466 -11.82 23.49 3.90
N MSE B 467 -10.77 22.79 4.33
CA MSE B 467 -10.72 22.29 5.70
C MSE B 467 -9.29 22.27 6.19
O MSE B 467 -8.35 22.06 5.41
CB MSE B 467 -11.35 20.90 5.79
CG MSE B 467 -10.76 19.92 4.82
SE MSE B 467 -12.09 18.65 4.32
CE MSE B 467 -13.07 19.79 3.12
N ARG B 468 -9.14 22.50 7.48
CA ARG B 468 -7.84 22.54 8.12
C ARG B 468 -7.81 21.70 9.39
N ALA B 469 -6.63 21.25 9.77
CA ALA B 469 -6.48 20.45 10.97
C ALA B 469 -5.03 20.41 11.41
N ALA B 470 -4.81 20.56 12.70
CA ALA B 470 -3.47 20.50 13.26
C ALA B 470 -3.58 19.81 14.60
N LEU B 471 -2.54 19.06 14.95
CA LEU B 471 -2.50 18.35 16.22
C LEU B 471 -1.92 19.28 17.27
N VAL B 472 -2.52 19.25 18.46
CA VAL B 472 -2.05 20.09 19.55
C VAL B 472 -2.10 19.34 20.87
N ASN B 473 -1.31 19.82 21.82
CA ASN B 473 -1.28 19.28 23.17
C ASN B 473 -1.64 20.52 23.95
N ALA B 474 -2.93 20.70 24.17
CA ALA B 474 -3.46 21.86 24.86
C ALA B 474 -3.13 23.11 24.03
N ASP B 475 -2.24 23.96 24.55
CA ASP B 475 -1.88 25.18 23.86
C ASP B 475 -0.62 25.02 23.01
N GLN B 476 0.02 23.85 23.10
CA GLN B 476 1.24 23.59 22.34
C GLN B 476 0.92 22.93 20.99
N THR B 477 1.34 23.59 19.90
CA THR B 477 1.14 23.06 18.56
C THR B 477 2.11 21.90 18.33
N LEU B 478 1.57 20.73 18.01
CA LEU B 478 2.39 19.55 17.78
C LEU B 478 2.70 19.25 16.32
N SER B 479 1.79 19.61 15.42
CA SER B 479 2.00 19.32 14.00
C SER B 479 1.77 20.50 13.08
N GLU B 480 2.12 20.30 11.82
CA GLU B 480 1.95 21.30 10.78
C GLU B 480 0.44 21.32 10.58
N THR B 481 -0.03 22.29 9.80
CA THR B 481 -1.46 22.36 9.55
C THR B 481 -1.86 21.67 8.26
N TRP B 482 -2.68 20.64 8.38
CA TRP B 482 -3.19 19.89 7.25
C TRP B 482 -4.25 20.81 6.66
N SER B 483 -4.00 21.27 5.43
CA SER B 483 -4.89 22.18 4.72
C SER B 483 -5.36 21.48 3.44
N TYR B 484 -6.57 20.95 3.49
CA TYR B 484 -7.11 20.20 2.36
C TYR B 484 -8.22 20.94 1.62
N GLN B 485 -8.37 20.62 0.35
CA GLN B 485 -9.41 21.22 -0.46
C GLN B 485 -10.15 20.25 -1.38
N LEU B 486 -11.46 20.21 -1.22
CA LEU B 486 -12.31 19.38 -2.08
C LEU B 486 -12.76 20.33 -3.17
N PRO B 487 -12.16 20.23 -4.37
CA PRO B 487 -12.49 21.09 -5.51
C PRO B 487 -13.97 21.03 -5.86
N ALA B 488 -14.46 22.08 -6.52
CA ALA B 488 -15.86 22.12 -6.92
C ALA B 488 -16.08 20.99 -7.92
N ASN B 489 -17.13 20.20 -7.70
CA ASN B 489 -17.50 19.08 -8.56
C ASN B 489 -16.74 17.78 -8.30
N GLU B 490 -15.87 17.79 -7.29
CA GLU B 490 -15.09 16.61 -6.93
C GLU B 490 -15.93 15.55 -6.19
N VAL B 491 -16.90 16.02 -5.41
CA VAL B 491 -17.76 15.11 -4.64
C VAL B 491 -19.05 14.75 -5.38
NA NA C . 3.28 -0.66 1.92
#